data_7L24
#
_entry.id   7L24
#
_cell.length_a   77.874
_cell.length_b   107.669
_cell.length_c   85.971
_cell.angle_alpha   90.000
_cell.angle_beta   107.980
_cell.angle_gamma   90.000
#
_symmetry.space_group_name_H-M   'P 1 21 1'
#
loop_
_entity.id
_entity.type
_entity.pdbx_description
1 polymer 'Mitogen-activated protein kinase kinase kinase kinase 1'
2 non-polymer 6-(2-fluoro-6-methoxyphenyl)-1-[4-(4-methylpiperazin-1-yl)phenyl]-1H-pyrazolo[4,3-c]pyridine
3 water water
#
_entity_poly.entity_id   1
_entity_poly.type   'polypeptide(L)'
_entity_poly.pdbx_seq_one_letter_code
;DIFNRDPRDHYDLLQRLGGGTYGEVFKARDKVSGDLVALKMVKMEPDDDVSTLQKEILILKTCRHANIVAYHGSYLWLQK
LWICMEFCGAGSLQDIYQVTGSLSELQISYVCREVLQGLAYLHSQKKIHRDIKGANILINDAGEVRLADFGISAQIGATL
ARRLAFIGTPYWMAPEVAAVALKGCYNELCDIWSLGITAIELAELQPPLFDVHPLRVLFLMTKSGYQPPRLKEKGKWSAA
FHNFIKVTLTKSPKKRPSATKMLSHQLVSQPGLNRGLILDLLDKLKNP
;
_entity_poly.pdbx_strand_id   A,B,C,D
#
# COMPACT_ATOMS: atom_id res chain seq x y z
N ASP A 1 -19.43 -22.44 14.50
CA ASP A 1 -20.65 -21.82 13.88
C ASP A 1 -20.36 -21.23 12.50
N ILE A 2 -21.16 -21.63 11.51
CA ILE A 2 -20.85 -21.45 10.08
C ILE A 2 -21.96 -20.73 9.28
N PHE A 3 -21.57 -19.64 8.60
CA PHE A 3 -22.50 -18.85 7.78
C PHE A 3 -22.81 -19.54 6.44
N ASN A 4 -24.03 -20.08 6.30
CA ASN A 4 -24.48 -20.71 5.04
C ASN A 4 -24.87 -19.69 3.98
N ARG A 5 -23.85 -19.05 3.40
CA ARG A 5 -24.06 -18.07 2.34
C ARG A 5 -22.78 -17.83 1.54
N ASP A 6 -22.96 -17.17 0.40
CA ASP A 6 -21.87 -16.78 -0.50
C ASP A 6 -20.98 -15.71 0.18
N PRO A 7 -19.68 -15.99 0.34
CA PRO A 7 -18.81 -14.98 0.95
C PRO A 7 -18.48 -13.78 0.07
N ARG A 8 -18.60 -13.93 -1.25
CA ARG A 8 -18.51 -12.80 -2.20
C ARG A 8 -19.53 -11.68 -1.92
N ASP A 9 -20.58 -12.00 -1.15
CA ASP A 9 -21.47 -11.01 -0.54
C ASP A 9 -20.72 -10.11 0.44
N HIS A 10 -20.08 -10.74 1.43
CA HIS A 10 -19.37 -10.04 2.52
C HIS A 10 -17.97 -9.53 2.19
N TYR A 11 -17.37 -10.08 1.13
CA TYR A 11 -15.97 -9.81 0.78
C TYR A 11 -15.76 -9.71 -0.73
N ASP A 12 -14.63 -9.09 -1.10
CA ASP A 12 -14.17 -9.05 -2.51
C ASP A 12 -12.90 -9.86 -2.65
N LEU A 13 -12.93 -10.87 -3.52
CA LEU A 13 -11.77 -11.71 -3.81
C LEU A 13 -10.77 -10.95 -4.69
N LEU A 14 -9.69 -10.48 -4.08
CA LEU A 14 -8.63 -9.73 -4.77
C LEU A 14 -7.63 -10.62 -5.53
N GLN A 15 -6.89 -11.43 -4.78
CA GLN A 15 -5.72 -12.16 -5.29
C GLN A 15 -5.65 -13.57 -4.70
N ARG A 16 -5.29 -14.54 -5.54
CA ARG A 16 -4.94 -15.89 -5.09
C ARG A 16 -3.50 -15.83 -4.57
N LEU A 17 -3.25 -16.48 -3.44
CA LEU A 17 -1.92 -16.53 -2.82
C LEU A 17 -1.27 -17.89 -2.96
N GLY A 18 -1.89 -18.78 -3.73
CA GLY A 18 -1.34 -20.12 -3.94
C GLY A 18 -2.31 -21.20 -3.52
N GLY A 19 -2.02 -22.41 -3.99
CA GLY A 19 -2.88 -23.55 -3.76
C GLY A 19 -2.09 -24.81 -3.47
N GLY A 20 -2.79 -25.78 -2.89
CA GLY A 20 -2.30 -27.14 -2.67
C GLY A 20 -3.46 -28.09 -2.90
N THR A 21 -3.19 -29.40 -2.84
CA THR A 21 -4.27 -30.38 -2.90
C THR A 21 -5.19 -30.18 -1.70
N TYR A 22 -4.57 -29.84 -0.57
CA TYR A 22 -5.25 -29.55 0.71
C TYR A 22 -6.13 -28.29 0.72
N GLY A 23 -5.69 -27.21 0.08
CA GLY A 23 -6.46 -25.95 0.10
C GLY A 23 -6.03 -24.87 -0.89
N GLU A 24 -6.82 -23.80 -0.97
CA GLU A 24 -6.53 -22.59 -1.77
C GLU A 24 -6.63 -21.35 -0.86
N VAL A 25 -5.63 -20.46 -0.93
CA VAL A 25 -5.60 -19.26 -0.07
C VAL A 25 -5.78 -17.97 -0.88
N PHE A 26 -6.72 -17.15 -0.43
CA PHE A 26 -7.08 -15.90 -1.12
C PHE A 26 -6.91 -14.67 -0.23
N LYS A 27 -6.30 -13.64 -0.81
CA LYS A 27 -6.34 -12.27 -0.27
C LYS A 27 -7.71 -11.68 -0.62
N ALA A 28 -8.34 -11.08 0.37
CA ALA A 28 -9.65 -10.45 0.15
C ALA A 28 -9.91 -9.27 1.08
N ARG A 29 -10.82 -8.40 0.67
CA ARG A 29 -11.19 -7.18 1.43
C ARG A 29 -12.64 -7.22 1.86
N ASP A 30 -12.87 -6.86 3.13
CA ASP A 30 -14.21 -6.77 3.69
C ASP A 30 -14.94 -5.58 3.04
N LYS A 31 -15.97 -5.90 2.26
CA LYS A 31 -16.79 -4.90 1.53
C LYS A 31 -17.35 -3.75 2.39
N VAL A 32 -17.62 -4.02 3.65
CA VAL A 32 -18.16 -3.03 4.61
C VAL A 32 -17.04 -2.35 5.40
N SER A 33 -16.37 -3.14 6.22
CA SER A 33 -15.31 -2.65 7.11
C SER A 33 -14.07 -2.11 6.39
N GLY A 34 -13.79 -2.67 5.21
CA GLY A 34 -12.61 -2.29 4.42
C GLY A 34 -11.32 -3.00 4.78
N ASP A 35 -11.32 -3.74 5.88
CA ASP A 35 -10.11 -4.44 6.33
C ASP A 35 -9.82 -5.60 5.41
N LEU A 36 -8.53 -5.92 5.29
CA LEU A 36 -8.09 -7.08 4.51
C LEU A 36 -8.19 -8.38 5.33
N VAL A 37 -8.56 -9.45 4.65
CA VAL A 37 -8.60 -10.78 5.23
C VAL A 37 -7.94 -11.84 4.35
N ALA A 38 -7.50 -12.90 5.02
CA ALA A 38 -7.11 -14.14 4.38
C ALA A 38 -8.32 -15.04 4.34
N LEU A 39 -8.61 -15.58 3.16
CA LEU A 39 -9.68 -16.56 2.96
C LEU A 39 -9.11 -17.90 2.48
N LYS A 40 -9.25 -18.93 3.32
CA LYS A 40 -8.83 -20.31 2.96
C LYS A 40 -10.02 -21.05 2.36
N MET A 41 -9.90 -21.41 1.08
CA MET A 41 -10.94 -22.15 0.36
C MET A 41 -10.62 -23.63 0.27
N VAL A 42 -11.56 -24.46 0.71
CA VAL A 42 -11.44 -25.92 0.59
C VAL A 42 -12.64 -26.46 -0.18
N LYS A 43 -12.36 -27.26 -1.21
CA LYS A 43 -13.37 -27.91 -2.03
C LYS A 43 -13.87 -29.16 -1.31
N MET A 44 -15.07 -29.08 -0.73
CA MET A 44 -15.70 -30.19 0.02
C MET A 44 -16.88 -30.82 -0.75
N GLU A 45 -16.63 -31.95 -1.43
CA GLU A 45 -17.69 -32.69 -2.15
C GLU A 45 -18.61 -33.39 -1.14
N PRO A 46 -19.89 -33.64 -1.52
CA PRO A 46 -20.85 -34.33 -0.64
C PRO A 46 -20.34 -35.61 0.03
N ASP A 47 -19.67 -36.45 -0.76
CA ASP A 47 -19.23 -37.78 -0.29
C ASP A 47 -18.11 -37.78 0.77
N ASP A 48 -17.11 -36.91 0.61
CA ASP A 48 -15.97 -36.85 1.55
C ASP A 48 -16.38 -36.37 2.97
N ASP A 49 -15.61 -36.80 3.98
CA ASP A 49 -15.91 -36.48 5.40
C ASP A 49 -15.32 -35.13 5.85
N VAL A 50 -16.16 -34.38 6.56
CA VAL A 50 -15.94 -32.97 6.96
C VAL A 50 -15.20 -32.77 8.33
N SER A 51 -15.12 -33.82 9.13
CA SER A 51 -14.55 -33.79 10.51
C SER A 51 -13.20 -33.06 10.65
N THR A 52 -12.28 -33.38 9.74
CA THR A 52 -10.95 -32.76 9.68
C THR A 52 -10.99 -31.22 9.64
N LEU A 53 -11.90 -30.70 8.83
CA LEU A 53 -12.08 -29.26 8.68
C LEU A 53 -12.82 -28.67 9.89
N GLN A 54 -13.83 -29.38 10.38
CA GLN A 54 -14.58 -28.97 11.60
C GLN A 54 -13.64 -28.80 12.79
N LYS A 55 -12.68 -29.70 12.90
CA LYS A 55 -11.66 -29.64 13.97
C LYS A 55 -10.74 -28.41 13.81
N GLU A 56 -10.32 -28.12 12.58
CA GLU A 56 -9.51 -26.92 12.32
C GLU A 56 -10.23 -25.63 12.72
N ILE A 57 -11.48 -25.49 12.27
CA ILE A 57 -12.31 -24.33 12.65
C ILE A 57 -12.34 -24.24 14.17
N LEU A 58 -12.84 -25.30 14.82
CA LEU A 58 -12.97 -25.33 16.28
C LEU A 58 -11.67 -24.89 16.97
N ILE A 59 -10.53 -25.33 16.45
CA ILE A 59 -9.21 -24.90 17.00
C ILE A 59 -9.05 -23.38 16.88
N LEU A 60 -9.22 -22.88 15.66
CA LEU A 60 -9.14 -21.44 15.38
C LEU A 60 -10.15 -20.60 16.21
N LYS A 61 -11.43 -20.97 16.14
CA LYS A 61 -12.51 -20.29 16.90
C LYS A 61 -12.22 -20.25 18.39
N THR A 62 -11.74 -21.37 18.94
CA THR A 62 -11.43 -21.48 20.38
C THR A 62 -10.06 -20.93 20.81
N CYS A 63 -9.28 -20.39 19.86
CA CYS A 63 -7.98 -19.73 20.16
C CYS A 63 -8.09 -18.22 19.98
N ARG A 64 -8.05 -17.52 21.10
CA ARG A 64 -7.91 -16.07 21.12
C ARG A 64 -6.59 -15.75 21.80
N HIS A 65 -5.56 -15.52 20.98
CA HIS A 65 -4.27 -15.08 21.47
C HIS A 65 -3.55 -14.27 20.40
N ALA A 66 -2.71 -13.33 20.85
CA ALA A 66 -2.03 -12.36 19.99
C ALA A 66 -1.17 -13.05 18.94
N ASN A 67 -0.34 -13.98 19.40
CA ASN A 67 0.55 -14.79 18.55
C ASN A 67 -0.06 -15.96 17.77
N ILE A 68 -1.38 -16.00 17.67
CA ILE A 68 -2.08 -16.99 16.86
C ILE A 68 -3.05 -16.31 15.92
N VAL A 69 -2.99 -16.68 14.65
CA VAL A 69 -3.82 -16.08 13.58
C VAL A 69 -5.26 -15.99 14.01
N ALA A 70 -5.78 -14.78 13.99
CA ALA A 70 -7.15 -14.52 14.39
C ALA A 70 -8.12 -15.09 13.35
N TYR A 71 -9.25 -15.56 13.88
CA TYR A 71 -10.35 -16.14 13.11
C TYR A 71 -11.57 -15.22 13.15
N HIS A 72 -12.19 -15.02 12.00
CA HIS A 72 -13.37 -14.14 11.88
C HIS A 72 -14.65 -14.90 11.72
N GLY A 73 -14.64 -15.81 10.78
CA GLY A 73 -15.75 -16.72 10.58
C GLY A 73 -15.45 -17.72 9.48
N SER A 74 -16.47 -18.47 9.11
CA SER A 74 -16.38 -19.38 7.96
C SER A 74 -17.69 -19.47 7.21
N TYR A 75 -17.57 -19.70 5.91
CA TYR A 75 -18.69 -19.71 4.98
C TYR A 75 -18.75 -21.02 4.19
N LEU A 76 -19.91 -21.68 4.23
CA LEU A 76 -20.18 -22.89 3.43
C LEU A 76 -21.14 -22.52 2.31
N TRP A 77 -20.66 -22.64 1.07
CA TRP A 77 -21.45 -22.27 -0.11
C TRP A 77 -20.98 -23.00 -1.36
N LEU A 78 -21.94 -23.50 -2.13
CA LEU A 78 -21.68 -24.25 -3.38
C LEU A 78 -20.61 -25.36 -3.23
N GLN A 79 -20.73 -26.13 -2.15
CA GLN A 79 -19.81 -27.22 -1.81
C GLN A 79 -18.33 -26.77 -1.73
N LYS A 80 -18.13 -25.51 -1.34
CA LYS A 80 -16.82 -24.91 -1.08
C LYS A 80 -16.90 -24.29 0.32
N LEU A 81 -15.92 -24.61 1.14
CA LEU A 81 -15.80 -24.05 2.48
C LEU A 81 -14.73 -22.97 2.48
N TRP A 82 -15.12 -21.78 2.94
CA TRP A 82 -14.20 -20.65 3.05
C TRP A 82 -13.95 -20.33 4.52
N ILE A 83 -12.71 -20.46 4.96
CA ILE A 83 -12.31 -20.07 6.33
C ILE A 83 -11.69 -18.68 6.28
N CYS A 84 -12.26 -17.77 7.07
CA CYS A 84 -11.89 -16.33 7.07
C CYS A 84 -11.03 -15.94 8.26
N MET A 85 -9.86 -15.39 7.97
CA MET A 85 -8.86 -15.03 9.00
C MET A 85 -8.22 -13.65 8.78
N GLU A 86 -7.53 -13.17 9.81
CA GLU A 86 -6.78 -11.91 9.71
C GLU A 86 -5.69 -12.03 8.67
N PHE A 87 -5.48 -10.98 7.91
CA PHE A 87 -4.46 -10.95 6.85
C PHE A 87 -3.09 -10.67 7.44
N CYS A 88 -2.08 -11.40 6.98
CA CYS A 88 -0.69 -11.22 7.44
C CYS A 88 0.11 -10.95 6.18
N GLY A 89 0.22 -9.65 5.89
CA GLY A 89 0.64 -9.14 4.59
C GLY A 89 2.01 -9.55 4.10
N ALA A 90 2.97 -9.66 5.01
CA ALA A 90 4.34 -10.04 4.65
C ALA A 90 4.47 -11.52 4.31
N GLY A 91 3.49 -12.29 4.77
CA GLY A 91 3.45 -13.73 4.54
C GLY A 91 4.24 -14.49 5.58
N SER A 92 4.71 -15.66 5.20
CA SER A 92 5.45 -16.53 6.12
C SER A 92 6.92 -16.13 6.17
N LEU A 93 7.60 -16.51 7.23
CA LEU A 93 9.07 -16.34 7.29
C LEU A 93 9.82 -16.98 6.13
N GLN A 94 9.30 -18.05 5.59
CA GLN A 94 9.92 -18.68 4.39
C GLN A 94 9.75 -17.80 3.16
N ASP A 95 8.51 -17.34 2.94
CA ASP A 95 8.22 -16.37 1.89
C ASP A 95 9.18 -15.18 1.93
N ILE A 96 9.43 -14.72 3.16
CA ILE A 96 10.28 -13.56 3.43
C ILE A 96 11.76 -13.88 3.26
N TYR A 97 12.27 -14.89 3.97
CA TYR A 97 13.74 -15.19 3.92
C TYR A 97 14.25 -15.62 2.54
N GLN A 98 13.35 -16.16 1.73
CA GLN A 98 13.66 -16.42 0.33
C GLN A 98 14.11 -15.16 -0.40
N VAL A 99 13.47 -14.06 -0.08
CA VAL A 99 13.83 -12.74 -0.62
C VAL A 99 15.00 -12.11 0.13
N THR A 100 14.93 -12.09 1.45
CA THR A 100 15.89 -11.30 2.25
C THR A 100 17.19 -12.00 2.58
N GLY A 101 17.23 -13.31 2.41
CA GLY A 101 18.33 -14.12 2.92
C GLY A 101 18.18 -14.33 4.40
N SER A 102 19.27 -14.67 5.07
CA SER A 102 19.16 -15.17 6.44
C SER A 102 18.92 -14.08 7.43
N LEU A 103 18.08 -14.38 8.40
CA LEU A 103 17.81 -13.51 9.53
C LEU A 103 19.00 -13.38 10.48
N SER A 104 18.90 -12.37 11.34
CA SER A 104 19.94 -12.03 12.31
C SER A 104 19.58 -12.66 13.63
N GLU A 105 20.58 -12.77 14.50
CA GLU A 105 20.34 -13.39 15.80
C GLU A 105 19.17 -12.72 16.52
N LEU A 106 19.14 -11.39 16.54
CA LEU A 106 18.10 -10.67 17.29
C LEU A 106 16.74 -10.84 16.65
N GLN A 107 16.69 -10.81 15.33
CA GLN A 107 15.43 -11.09 14.62
C GLN A 107 14.94 -12.50 14.95
N ILE A 108 15.87 -13.44 14.95
CA ILE A 108 15.56 -14.83 15.28
C ILE A 108 15.06 -14.92 16.71
N SER A 109 15.78 -14.27 17.61
CA SER A 109 15.38 -14.23 19.03
C SER A 109 13.95 -13.74 19.20
N TYR A 110 13.62 -12.64 18.55
CA TYR A 110 12.27 -12.07 18.69
C TYR A 110 11.23 -13.06 18.17
N VAL A 111 11.48 -13.60 16.99
CA VAL A 111 10.57 -14.61 16.41
C VAL A 111 10.38 -15.79 17.37
N CYS A 112 11.47 -16.31 17.89
CA CYS A 112 11.41 -17.43 18.82
C CYS A 112 10.56 -17.08 20.04
N ARG A 113 10.84 -15.93 20.63
CA ARG A 113 10.05 -15.46 21.79
C ARG A 113 8.57 -15.46 21.49
N GLU A 114 8.23 -14.95 20.31
CA GLU A 114 6.81 -14.77 19.96
C GLU A 114 6.11 -16.09 19.74
N VAL A 115 6.81 -17.01 19.07
CA VAL A 115 6.30 -18.37 18.85
C VAL A 115 6.10 -19.08 20.19
N LEU A 116 7.12 -19.04 21.03
CA LEU A 116 7.03 -19.60 22.39
C LEU A 116 5.78 -19.14 23.14
N GLN A 117 5.45 -17.86 23.01
CA GLN A 117 4.23 -17.31 23.62
C GLN A 117 2.99 -17.99 23.07
N GLY A 118 2.96 -18.14 21.76
CA GLY A 118 1.84 -18.84 21.09
C GLY A 118 1.73 -20.29 21.49
N LEU A 119 2.88 -20.96 21.53
CA LEU A 119 2.94 -22.36 21.94
C LEU A 119 2.47 -22.54 23.38
N ALA A 120 3.01 -21.74 24.27
CA ALA A 120 2.62 -21.78 25.70
C ALA A 120 1.10 -21.64 25.85
N TYR A 121 0.52 -20.73 25.08
CA TYR A 121 -0.93 -20.55 25.08
C TYR A 121 -1.63 -21.81 24.58
N LEU A 122 -1.21 -22.31 23.43
CA LEU A 122 -1.79 -23.55 22.83
C LEU A 122 -1.75 -24.74 23.79
N HIS A 123 -0.58 -24.92 24.40
CA HIS A 123 -0.35 -26.05 25.28
C HIS A 123 -1.21 -25.96 26.54
N SER A 124 -1.37 -24.75 27.07
CA SER A 124 -2.28 -24.52 28.20
C SER A 124 -3.73 -24.90 27.85
N GLN A 125 -4.12 -24.68 26.58
CA GLN A 125 -5.43 -25.12 26.05
C GLN A 125 -5.47 -26.60 25.62
N LYS A 126 -4.42 -27.34 25.96
CA LYS A 126 -4.27 -28.77 25.63
C LYS A 126 -4.30 -29.07 24.11
N LYS A 127 -3.75 -28.13 23.34
CA LYS A 127 -3.63 -28.23 21.89
C LYS A 127 -2.17 -28.30 21.54
N ILE A 128 -1.85 -28.95 20.42
CA ILE A 128 -0.48 -29.07 19.88
C ILE A 128 -0.49 -28.64 18.42
N HIS A 129 0.51 -27.85 18.03
CA HIS A 129 0.61 -27.37 16.64
C HIS A 129 1.10 -28.50 15.75
N ARG A 130 2.26 -29.04 16.13
CA ARG A 130 2.85 -30.23 15.48
C ARG A 130 3.33 -30.00 14.04
N ASP A 131 3.40 -28.74 13.64
CA ASP A 131 3.89 -28.34 12.29
C ASP A 131 4.54 -26.96 12.34
N ILE A 132 5.33 -26.70 13.37
CA ILE A 132 6.04 -25.47 13.50
C ILE A 132 7.22 -25.52 12.54
N LYS A 133 7.18 -24.63 11.58
CA LYS A 133 8.33 -24.34 10.69
C LYS A 133 8.17 -22.93 10.09
N GLY A 134 9.26 -22.39 9.53
CA GLY A 134 9.26 -21.10 8.83
C GLY A 134 8.01 -20.77 7.99
N ALA A 135 7.57 -21.75 7.22
CA ALA A 135 6.41 -21.59 6.33
C ALA A 135 5.06 -21.45 7.01
N ASN A 136 5.01 -21.75 8.32
CA ASN A 136 3.79 -21.65 9.13
C ASN A 136 3.80 -20.50 10.15
N ILE A 137 4.94 -19.82 10.28
CA ILE A 137 5.04 -18.63 11.10
C ILE A 137 4.83 -17.37 10.24
N LEU A 138 3.64 -16.77 10.36
CA LEU A 138 3.29 -15.61 9.57
C LEU A 138 3.67 -14.28 10.20
N ILE A 139 4.02 -13.33 9.33
CA ILE A 139 4.33 -11.95 9.69
C ILE A 139 3.31 -10.98 9.08
N ASN A 140 2.76 -10.08 9.89
CA ASN A 140 1.90 -8.99 9.36
C ASN A 140 2.69 -7.72 9.08
N ASP A 141 2.09 -6.79 8.35
CA ASP A 141 2.77 -5.53 7.95
C ASP A 141 3.32 -4.73 9.16
N ALA A 142 2.72 -4.91 10.32
CA ALA A 142 3.21 -4.37 11.60
C ALA A 142 4.36 -5.13 12.26
N GLY A 143 4.87 -6.19 11.62
CA GLY A 143 5.94 -7.03 12.21
C GLY A 143 5.55 -7.91 13.38
N GLU A 144 4.26 -8.17 13.52
CA GLU A 144 3.77 -9.07 14.56
C GLU A 144 3.77 -10.52 14.04
N VAL A 145 4.03 -11.45 14.96
CA VAL A 145 4.23 -12.86 14.64
C VAL A 145 2.97 -13.66 14.91
N ARG A 146 2.54 -14.42 13.92
CA ARG A 146 1.33 -15.25 14.00
C ARG A 146 1.58 -16.72 13.59
N LEU A 147 1.21 -17.65 14.46
CA LEU A 147 1.23 -19.08 14.14
C LEU A 147 0.04 -19.41 13.25
N ALA A 148 0.26 -20.21 12.21
CA ALA A 148 -0.80 -20.56 11.26
C ALA A 148 -0.68 -22.00 10.76
N ASP A 149 -1.62 -22.39 9.89
CA ASP A 149 -1.64 -23.71 9.22
C ASP A 149 -1.76 -24.81 10.27
N PHE A 150 -2.94 -24.86 10.90
CA PHE A 150 -3.31 -25.86 11.92
C PHE A 150 -3.98 -27.08 11.28
N GLY A 151 -3.90 -27.18 9.95
CA GLY A 151 -4.54 -28.28 9.21
C GLY A 151 -4.05 -29.65 9.64
N ILE A 152 -2.75 -29.78 9.88
CA ILE A 152 -2.18 -31.02 10.41
C ILE A 152 -2.68 -31.24 11.85
N SER A 153 -2.51 -30.25 12.72
CA SER A 153 -3.04 -30.34 14.10
C SER A 153 -4.48 -30.82 14.12
N ALA A 154 -5.27 -30.27 13.20
CA ALA A 154 -6.64 -30.71 12.96
C ALA A 154 -6.72 -32.19 12.47
N GLN A 155 -5.84 -32.58 11.54
CA GLN A 155 -5.83 -33.95 10.94
C GLN A 155 -5.55 -35.04 11.96
N ILE A 156 -4.59 -34.81 12.86
CA ILE A 156 -4.30 -35.75 13.95
C ILE A 156 -5.41 -35.76 15.02
N GLY A 157 -6.01 -34.59 15.26
CA GLY A 157 -7.16 -34.47 16.19
C GLY A 157 -8.43 -35.16 15.71
N ALA A 158 -8.74 -34.96 14.44
CA ALA A 158 -9.85 -35.65 13.76
C ALA A 158 -9.67 -37.19 13.71
N THR A 159 -8.43 -37.63 13.68
CA THR A 159 -8.11 -39.05 13.76
C THR A 159 -8.28 -39.58 15.20
N LEU A 160 -7.70 -38.88 16.16
CA LEU A 160 -7.86 -39.17 17.59
C LEU A 160 -9.33 -39.36 18.03
N ALA A 161 -10.24 -38.55 17.48
CA ALA A 161 -11.69 -38.70 17.70
C ALA A 161 -12.26 -39.93 16.97
N ARG A 162 -11.93 -40.03 15.68
CA ARG A 162 -12.26 -41.21 14.84
C ARG A 162 -11.79 -42.54 15.45
N ARG A 163 -10.68 -42.49 16.20
CA ARG A 163 -10.10 -43.64 16.91
C ARG A 163 -10.82 -44.09 18.19
N LEU A 164 -11.88 -43.40 18.63
CA LEU A 164 -12.76 -43.93 19.72
C LEU A 164 -13.35 -45.35 19.37
N ALA A 165 -13.66 -45.54 18.08
CA ALA A 165 -14.22 -46.79 17.53
C ALA A 165 -13.51 -47.14 16.23
N PRO A 170 -10.12 -50.94 25.51
CA PRO A 170 -9.29 -49.99 26.28
C PRO A 170 -8.56 -50.55 27.53
N TYR A 171 -9.14 -51.53 28.21
CA TYR A 171 -8.60 -52.04 29.51
C TYR A 171 -7.47 -53.08 29.46
N TRP A 172 -7.59 -53.99 28.49
CA TRP A 172 -6.55 -55.00 28.19
C TRP A 172 -5.44 -54.42 27.33
N MET A 173 -5.62 -53.16 26.97
CA MET A 173 -4.67 -52.39 26.19
C MET A 173 -3.42 -52.14 27.02
N ALA A 174 -2.28 -52.19 26.35
CA ALA A 174 -0.97 -51.89 26.94
C ALA A 174 -0.71 -50.35 26.99
N PRO A 175 0.05 -49.85 27.98
CA PRO A 175 0.23 -48.40 28.16
C PRO A 175 0.69 -47.64 26.90
N GLU A 176 1.73 -48.13 26.26
CA GLU A 176 2.21 -47.54 24.99
C GLU A 176 1.12 -47.45 23.90
N VAL A 177 0.24 -48.45 23.84
CA VAL A 177 -0.88 -48.48 22.88
C VAL A 177 -1.89 -47.41 23.27
N ALA A 178 -2.09 -47.26 24.58
CA ALA A 178 -3.00 -46.24 25.13
C ALA A 178 -2.52 -44.83 24.80
N ALA A 179 -1.21 -44.65 24.91
CA ALA A 179 -0.55 -43.42 24.55
C ALA A 179 -0.74 -43.05 23.06
N VAL A 180 -0.65 -44.03 22.18
CA VAL A 180 -0.90 -43.81 20.75
C VAL A 180 -2.38 -43.51 20.50
N ALA A 181 -3.25 -44.20 21.22
CA ALA A 181 -4.71 -44.05 21.08
C ALA A 181 -5.20 -42.66 21.53
N LEU A 182 -4.58 -42.15 22.59
CA LEU A 182 -4.92 -40.88 23.21
C LEU A 182 -4.11 -39.69 22.65
N LYS A 183 -2.79 -39.79 22.77
CA LYS A 183 -1.85 -38.72 22.42
C LYS A 183 -1.06 -38.93 21.11
N GLY A 184 -1.04 -40.13 20.56
CA GLY A 184 -0.24 -40.43 19.35
C GLY A 184 1.23 -40.75 19.64
N CYS A 185 1.55 -41.04 20.91
CA CYS A 185 2.90 -41.47 21.32
C CYS A 185 3.87 -40.37 21.69
N TYR A 186 3.41 -39.12 21.55
CA TYR A 186 4.19 -37.92 21.80
C TYR A 186 3.34 -36.84 22.49
N ASN A 187 4.01 -35.81 22.98
CA ASN A 187 3.39 -34.72 23.72
C ASN A 187 3.68 -33.34 23.13
N GLU A 188 3.09 -32.32 23.75
CA GLU A 188 3.28 -30.90 23.41
C GLU A 188 4.74 -30.45 23.14
N LEU A 189 5.68 -31.06 23.86
CA LEU A 189 7.10 -30.70 23.76
C LEU A 189 7.74 -31.01 22.42
N CYS A 190 7.08 -31.77 21.55
CA CYS A 190 7.54 -31.88 20.16
C CYS A 190 7.67 -30.48 19.47
N ASP A 191 6.71 -29.59 19.75
CA ASP A 191 6.72 -28.24 19.22
C ASP A 191 8.00 -27.48 19.59
N ILE A 192 8.45 -27.64 20.84
CA ILE A 192 9.69 -27.02 21.31
C ILE A 192 10.87 -27.44 20.45
N TRP A 193 10.96 -28.72 20.16
CA TRP A 193 12.00 -29.22 19.25
C TRP A 193 11.90 -28.47 17.90
N SER A 194 10.69 -28.41 17.35
CA SER A 194 10.50 -27.87 16.00
C SER A 194 10.95 -26.44 15.94
N LEU A 195 10.71 -25.72 17.03
CA LEU A 195 11.15 -24.35 17.14
C LEU A 195 12.65 -24.29 16.99
N GLY A 196 13.33 -25.12 17.79
CA GLY A 196 14.80 -25.26 17.69
C GLY A 196 15.25 -25.42 16.25
N ILE A 197 14.64 -26.38 15.54
CA ILE A 197 14.95 -26.60 14.11
C ILE A 197 14.61 -25.36 13.27
N THR A 198 13.47 -24.76 13.55
CA THR A 198 13.07 -23.52 12.87
C THR A 198 14.08 -22.39 13.09
N ALA A 199 14.56 -22.23 14.31
CA ALA A 199 15.62 -21.24 14.58
C ALA A 199 16.83 -21.44 13.67
N ILE A 200 17.21 -22.70 13.48
CA ILE A 200 18.28 -23.04 12.52
C ILE A 200 17.88 -22.69 11.08
N GLU A 201 16.65 -23.05 10.70
CA GLU A 201 16.08 -22.70 9.36
C GLU A 201 16.28 -21.20 9.03
N LEU A 202 15.88 -20.37 9.98
CA LEU A 202 15.95 -18.91 9.85
C LEU A 202 17.39 -18.41 9.76
N ALA A 203 18.28 -19.06 10.51
CA ALA A 203 19.73 -18.76 10.44
C ALA A 203 20.43 -19.21 9.15
N GLU A 204 19.95 -20.31 8.56
CA GLU A 204 20.68 -21.01 7.47
C GLU A 204 19.94 -21.22 6.16
N LEU A 205 18.67 -20.80 6.11
CA LEU A 205 17.79 -20.95 4.91
C LEU A 205 17.31 -22.37 4.61
N GLN A 206 17.76 -23.34 5.42
CA GLN A 206 17.48 -24.79 5.30
C GLN A 206 17.49 -25.41 6.69
N PRO A 207 16.58 -26.35 6.99
CA PRO A 207 16.75 -27.08 8.26
C PRO A 207 17.89 -28.05 8.09
N PRO A 208 18.42 -28.61 9.20
CA PRO A 208 19.48 -29.58 9.05
C PRO A 208 19.03 -30.79 8.24
N LEU A 209 19.96 -31.34 7.48
CA LEU A 209 19.76 -32.55 6.70
C LEU A 209 18.76 -32.38 5.54
N PHE A 210 18.51 -31.16 5.11
CA PHE A 210 17.51 -30.89 4.05
C PHE A 210 17.86 -31.54 2.73
N ASP A 211 19.15 -31.68 2.46
CA ASP A 211 19.67 -32.35 1.25
C ASP A 211 19.58 -33.90 1.29
N VAL A 212 19.47 -34.44 2.50
CA VAL A 212 19.25 -35.88 2.74
C VAL A 212 17.79 -36.25 2.47
N HIS A 213 17.57 -37.45 1.95
CA HIS A 213 16.24 -37.97 1.62
C HIS A 213 15.36 -38.10 2.88
N PRO A 214 14.06 -37.73 2.81
CA PRO A 214 13.21 -37.70 4.02
C PRO A 214 13.09 -39.05 4.76
N LEU A 215 12.73 -40.09 4.04
CA LEU A 215 12.65 -41.44 4.61
C LEU A 215 13.93 -41.80 5.37
N ARG A 216 15.07 -41.49 4.75
CA ARG A 216 16.39 -41.74 5.37
C ARG A 216 16.59 -40.96 6.67
N VAL A 217 16.10 -39.72 6.69
CA VAL A 217 16.21 -38.85 7.87
C VAL A 217 15.38 -39.40 9.04
N LEU A 218 14.17 -39.88 8.74
CA LEU A 218 13.35 -40.59 9.72
C LEU A 218 14.13 -41.76 10.33
N PHE A 219 14.69 -42.61 9.46
CA PHE A 219 15.55 -43.70 9.91
C PHE A 219 16.66 -43.19 10.86
N LEU A 220 17.39 -42.16 10.43
CA LEU A 220 18.53 -41.64 11.22
C LEU A 220 18.13 -41.16 12.61
N MET A 221 16.98 -40.51 12.66
CA MET A 221 16.40 -39.98 13.92
C MET A 221 16.00 -41.07 14.93
N THR A 222 15.70 -42.25 14.44
CA THR A 222 15.29 -43.37 15.27
C THR A 222 16.44 -44.25 15.76
N LYS A 223 17.63 -44.08 15.17
CA LYS A 223 18.85 -44.78 15.63
C LYS A 223 19.24 -44.34 17.05
N SER A 224 19.94 -45.25 17.74
CA SER A 224 20.43 -45.03 19.11
C SER A 224 21.27 -43.76 19.21
N GLY A 225 22.33 -43.71 18.41
CA GLY A 225 23.33 -42.63 18.50
C GLY A 225 23.09 -41.36 17.72
N TYR A 226 21.81 -41.03 17.47
CA TYR A 226 21.47 -39.81 16.75
C TYR A 226 21.82 -38.59 17.57
N GLN A 227 22.71 -37.77 17.02
CA GLN A 227 23.11 -36.50 17.66
C GLN A 227 22.18 -35.37 17.19
N PRO A 228 21.64 -34.58 18.15
CA PRO A 228 20.89 -33.41 17.70
C PRO A 228 21.75 -32.47 16.86
N PRO A 229 21.16 -31.85 15.83
CA PRO A 229 21.93 -30.88 15.04
C PRO A 229 22.30 -29.62 15.80
N ARG A 230 23.30 -28.94 15.25
CA ARG A 230 23.80 -27.65 15.74
C ARG A 230 23.88 -26.65 14.59
N LEU A 231 24.17 -25.41 14.94
CA LEU A 231 24.43 -24.37 13.94
C LEU A 231 25.79 -24.64 13.30
N LYS A 232 25.85 -24.53 11.96
CA LYS A 232 27.09 -24.76 11.19
C LYS A 232 28.24 -23.86 11.62
N GLU A 233 27.99 -22.55 11.71
CA GLU A 233 29.05 -21.56 12.01
C GLU A 233 29.13 -21.17 13.48
N LYS A 234 30.12 -21.68 14.18
CA LYS A 234 30.27 -21.41 15.63
C LYS A 234 30.36 -19.90 15.93
N GLY A 235 31.29 -19.22 15.26
CA GLY A 235 31.62 -17.80 15.52
C GLY A 235 30.57 -16.74 15.20
N LYS A 236 29.81 -16.96 14.14
CA LYS A 236 28.72 -16.04 13.72
C LYS A 236 27.64 -15.80 14.79
N TRP A 237 27.48 -16.72 15.75
CA TRP A 237 26.43 -16.62 16.78
C TRP A 237 26.94 -16.63 18.20
N SER A 238 26.07 -16.21 19.09
CA SER A 238 26.43 -16.07 20.50
C SER A 238 26.27 -17.39 21.25
N ALA A 239 26.88 -17.43 22.44
CA ALA A 239 26.78 -18.56 23.35
C ALA A 239 25.31 -18.82 23.69
N ALA A 240 24.58 -17.74 23.95
CA ALA A 240 23.15 -17.84 24.29
C ALA A 240 22.31 -18.46 23.16
N PHE A 241 22.68 -18.18 21.92
CA PHE A 241 21.98 -18.76 20.76
C PHE A 241 22.24 -20.26 20.63
N HIS A 242 23.52 -20.63 20.66
CA HIS A 242 23.97 -22.04 20.64
C HIS A 242 23.28 -22.85 21.75
N ASN A 243 23.29 -22.30 22.96
CA ASN A 243 22.60 -22.91 24.11
C ASN A 243 21.11 -23.09 23.90
N PHE A 244 20.45 -22.03 23.44
CA PHE A 244 19.01 -22.10 23.10
C PHE A 244 18.71 -23.30 22.23
N ILE A 245 19.60 -23.57 21.29
CA ILE A 245 19.45 -24.68 20.37
C ILE A 245 19.74 -26.02 21.06
N LYS A 246 20.91 -26.12 21.68
CA LYS A 246 21.28 -27.27 22.52
C LYS A 246 20.07 -27.76 23.37
N VAL A 247 19.46 -26.82 24.05
CA VAL A 247 18.40 -27.06 25.02
C VAL A 247 17.04 -27.40 24.38
N THR A 248 16.63 -26.61 23.40
CA THR A 248 15.37 -26.88 22.70
C THR A 248 15.46 -28.20 21.95
N LEU A 249 16.63 -28.48 21.41
CA LEU A 249 16.93 -29.75 20.75
C LEU A 249 17.51 -30.77 21.74
N THR A 250 16.82 -30.95 22.86
CA THR A 250 17.05 -32.06 23.77
C THR A 250 16.35 -33.28 23.19
N LYS A 251 17.12 -34.34 22.99
CA LYS A 251 16.60 -35.61 22.41
C LYS A 251 15.43 -36.16 23.24
N SER A 252 15.65 -36.27 24.55
CA SER A 252 14.65 -36.80 25.47
C SER A 252 13.54 -35.80 25.83
N PRO A 253 12.27 -36.12 25.48
CA PRO A 253 11.17 -35.23 25.93
C PRO A 253 10.92 -35.23 27.44
N LYS A 254 11.44 -36.19 28.17
CA LYS A 254 11.42 -36.14 29.64
C LYS A 254 12.28 -34.99 30.18
N LYS A 255 13.35 -34.65 29.44
CA LYS A 255 14.32 -33.62 29.84
C LYS A 255 14.32 -32.33 28.99
N ARG A 256 13.44 -32.25 27.99
CA ARG A 256 13.29 -31.05 27.13
C ARG A 256 12.36 -30.03 27.78
N PRO A 257 12.76 -28.75 27.83
CA PRO A 257 11.98 -27.85 28.65
C PRO A 257 10.73 -27.34 27.95
N SER A 258 9.74 -26.94 28.75
CA SER A 258 8.46 -26.46 28.22
C SER A 258 8.58 -25.07 27.65
N ALA A 259 7.61 -24.71 26.81
CA ALA A 259 7.49 -23.33 26.26
C ALA A 259 7.68 -22.27 27.36
N THR A 260 6.90 -22.41 28.44
CA THR A 260 7.00 -21.53 29.61
C THR A 260 8.42 -21.44 30.15
N LYS A 261 9.02 -22.59 30.43
CA LYS A 261 10.41 -22.63 30.90
C LYS A 261 11.33 -21.92 29.88
N MET A 262 11.08 -22.17 28.60
CA MET A 262 11.85 -21.56 27.51
C MET A 262 11.75 -20.03 27.44
N LEU A 263 10.57 -19.48 27.75
CA LEU A 263 10.37 -18.02 27.73
C LEU A 263 11.30 -17.26 28.67
N SER A 264 11.68 -17.88 29.77
CA SER A 264 12.70 -17.33 30.67
C SER A 264 14.16 -17.51 30.19
N HIS A 265 14.36 -18.18 29.05
CA HIS A 265 15.71 -18.37 28.51
C HIS A 265 16.35 -17.04 28.08
N GLN A 266 17.65 -16.94 28.32
CA GLN A 266 18.45 -15.73 28.10
C GLN A 266 18.24 -15.06 26.74
N LEU A 267 18.29 -15.87 25.70
CA LEU A 267 18.14 -15.39 24.32
C LEU A 267 16.81 -14.71 24.07
N VAL A 268 15.73 -15.35 24.52
CA VAL A 268 14.35 -14.84 24.27
C VAL A 268 13.77 -13.91 25.33
N SER A 269 14.47 -13.77 26.45
CA SER A 269 14.06 -12.84 27.51
C SER A 269 14.89 -11.54 27.57
N GLN A 270 15.94 -11.41 26.75
CA GLN A 270 16.77 -10.18 26.69
C GLN A 270 15.94 -8.99 26.23
N PRO A 271 16.30 -7.79 26.69
CA PRO A 271 15.53 -6.63 26.27
C PRO A 271 15.87 -6.18 24.84
N GLY A 272 15.05 -5.27 24.35
CA GLY A 272 15.16 -4.76 22.99
C GLY A 272 14.57 -5.64 21.92
N LEU A 273 13.85 -6.69 22.33
CA LEU A 273 13.19 -7.56 21.36
C LEU A 273 11.79 -7.04 21.11
N ASN A 274 11.55 -6.60 19.89
CA ASN A 274 10.25 -6.09 19.47
C ASN A 274 10.11 -6.13 17.98
N ARG A 275 8.89 -5.85 17.52
CA ARG A 275 8.58 -5.84 16.09
C ARG A 275 9.47 -4.98 15.19
N GLY A 276 10.11 -3.96 15.76
CA GLY A 276 11.05 -3.11 15.02
C GLY A 276 12.04 -3.95 14.24
N LEU A 277 12.58 -4.94 14.93
CA LEU A 277 13.53 -5.89 14.36
C LEU A 277 12.99 -6.55 13.11
N ILE A 278 11.71 -6.87 13.14
CA ILE A 278 11.05 -7.49 11.99
C ILE A 278 10.75 -6.47 10.91
N LEU A 279 10.35 -5.29 11.34
CA LEU A 279 10.14 -4.20 10.40
C LEU A 279 11.39 -3.95 9.57
N ASP A 280 12.55 -3.96 10.22
CA ASP A 280 13.85 -3.83 9.51
C ASP A 280 13.97 -4.87 8.40
N LEU A 281 13.66 -6.11 8.75
CA LEU A 281 13.62 -7.21 7.79
C LEU A 281 12.65 -6.98 6.63
N LEU A 282 11.43 -6.58 6.94
CA LEU A 282 10.45 -6.23 5.89
C LEU A 282 10.82 -5.04 5.00
N ASP A 283 11.67 -4.15 5.50
CA ASP A 283 12.24 -3.07 4.65
C ASP A 283 13.16 -3.68 3.60
N LYS A 284 13.89 -4.71 4.02
CA LYS A 284 14.80 -5.47 3.12
C LYS A 284 14.00 -6.17 2.00
N LEU A 285 12.70 -6.32 2.23
CA LEU A 285 11.75 -6.88 1.26
C LEU A 285 11.54 -6.04 0.01
N LYS A 286 11.47 -4.71 0.16
CA LYS A 286 11.29 -3.78 -0.99
C LYS A 286 12.63 -3.45 -1.67
N ASN A 287 13.74 -3.78 -1.01
CA ASN A 287 15.09 -3.58 -1.55
C ASN A 287 15.30 -4.35 -2.84
N ASP B 1 24.02 -23.57 -51.34
CA ASP B 1 23.29 -24.69 -52.02
C ASP B 1 21.78 -24.62 -51.70
N ILE B 2 21.12 -23.72 -52.42
CA ILE B 2 19.71 -23.41 -52.20
C ILE B 2 18.89 -24.14 -53.25
N PHE B 3 17.94 -24.95 -52.79
CA PHE B 3 17.08 -25.76 -53.67
C PHE B 3 15.94 -24.91 -54.26
N ASN B 4 16.04 -24.58 -55.55
CA ASN B 4 14.93 -23.93 -56.26
C ASN B 4 13.79 -24.88 -56.54
N ARG B 5 12.97 -25.14 -55.52
CA ARG B 5 11.75 -25.95 -55.68
C ARG B 5 10.76 -25.71 -54.55
N ASP B 6 9.50 -26.07 -54.81
CA ASP B 6 8.42 -26.01 -53.82
C ASP B 6 8.72 -26.99 -52.68
N PRO B 7 8.82 -26.51 -51.45
CA PRO B 7 9.11 -27.44 -50.35
C PRO B 7 7.93 -28.34 -49.93
N ARG B 8 6.70 -27.94 -50.27
CA ARG B 8 5.50 -28.81 -50.15
C ARG B 8 5.62 -30.17 -50.90
N ASP B 9 6.52 -30.21 -51.88
CA ASP B 9 6.97 -31.46 -52.51
C ASP B 9 7.67 -32.39 -51.51
N HIS B 10 8.70 -31.86 -50.84
CA HIS B 10 9.52 -32.63 -49.88
C HIS B 10 8.97 -32.73 -48.45
N TYR B 11 7.99 -31.88 -48.11
CA TYR B 11 7.48 -31.78 -46.74
C TYR B 11 5.97 -31.54 -46.71
N ASP B 12 5.37 -31.84 -45.56
CA ASP B 12 3.96 -31.57 -45.29
C ASP B 12 3.87 -30.51 -44.20
N LEU B 13 3.20 -29.41 -44.52
CA LEU B 13 3.01 -28.29 -43.58
C LEU B 13 1.91 -28.66 -42.59
N LEU B 14 2.32 -29.05 -41.39
CA LEU B 14 1.40 -29.44 -40.31
C LEU B 14 0.76 -28.24 -39.59
N GLN B 15 1.59 -27.44 -38.93
CA GLN B 15 1.14 -26.38 -38.01
C GLN B 15 2.01 -25.12 -38.11
N ARG B 16 1.37 -23.94 -38.06
CA ARG B 16 2.11 -22.68 -37.85
C ARG B 16 2.52 -22.63 -36.39
N LEU B 17 3.67 -22.02 -36.14
CA LEU B 17 4.19 -21.76 -34.78
C LEU B 17 4.50 -20.28 -34.46
N GLY B 18 4.45 -19.40 -35.46
CA GLY B 18 4.78 -17.97 -35.28
C GLY B 18 4.73 -17.13 -36.54
N GLU B 24 7.54 -16.14 -40.61
CA GLU B 24 6.65 -17.23 -40.19
C GLU B 24 7.38 -18.57 -39.99
N VAL B 25 7.11 -19.20 -38.85
CA VAL B 25 7.71 -20.51 -38.50
C VAL B 25 6.66 -21.63 -38.57
N PHE B 26 7.00 -22.70 -39.28
CA PHE B 26 6.10 -23.84 -39.49
C PHE B 26 6.69 -25.16 -38.98
N LYS B 27 5.86 -25.91 -38.27
CA LYS B 27 6.10 -27.33 -37.96
C LYS B 27 5.77 -28.12 -39.22
N ALA B 28 6.66 -29.02 -39.59
CA ALA B 28 6.46 -29.84 -40.78
C ALA B 28 7.14 -31.20 -40.68
N ARG B 29 6.63 -32.15 -41.47
CA ARG B 29 7.17 -33.53 -41.54
C ARG B 29 7.73 -33.84 -42.91
N ASP B 30 8.90 -34.48 -42.92
CA ASP B 30 9.56 -34.95 -44.14
C ASP B 30 8.75 -36.12 -44.72
N LYS B 31 8.14 -35.88 -45.89
CA LYS B 31 7.30 -36.86 -46.60
C LYS B 31 7.96 -38.24 -46.84
N VAL B 32 9.28 -38.24 -47.00
CA VAL B 32 10.07 -39.48 -47.25
C VAL B 32 10.62 -40.04 -45.94
N SER B 33 11.53 -39.28 -45.33
CA SER B 33 12.22 -39.68 -44.11
C SER B 33 11.31 -39.86 -42.90
N GLY B 34 10.22 -39.08 -42.86
CA GLY B 34 9.29 -39.05 -41.71
C GLY B 34 9.69 -38.17 -40.55
N ASP B 35 10.92 -37.64 -40.57
CA ASP B 35 11.42 -36.79 -39.47
C ASP B 35 10.67 -35.45 -39.46
N LEU B 36 10.49 -34.91 -38.27
CA LEU B 36 9.90 -33.58 -38.12
C LEU B 36 10.96 -32.50 -38.31
N VAL B 37 10.55 -31.42 -38.96
CA VAL B 37 11.39 -30.24 -39.14
C VAL B 37 10.69 -28.92 -38.83
N ALA B 38 11.52 -27.95 -38.48
CA ALA B 38 11.11 -26.56 -38.38
C ALA B 38 11.40 -25.92 -39.73
N LEU B 39 10.39 -25.26 -40.29
CA LEU B 39 10.49 -24.48 -41.52
C LEU B 39 10.24 -22.96 -41.30
N LYS B 40 11.29 -22.14 -41.48
CA LYS B 40 11.18 -20.67 -41.39
C LYS B 40 10.90 -20.06 -42.76
N MET B 41 9.75 -19.41 -42.92
CA MET B 41 9.31 -18.80 -44.18
C MET B 41 9.48 -17.26 -44.19
N VAL B 42 10.22 -16.76 -45.18
CA VAL B 42 10.48 -15.31 -45.32
C VAL B 42 10.11 -14.85 -46.74
N LYS B 43 9.41 -13.72 -46.85
CA LYS B 43 9.17 -13.12 -48.17
C LYS B 43 10.52 -12.67 -48.75
N MET B 44 10.75 -12.94 -50.04
CA MET B 44 11.97 -12.49 -50.74
C MET B 44 11.63 -12.07 -52.18
N GLU B 45 11.17 -10.81 -52.29
CA GLU B 45 11.07 -10.10 -53.58
C GLU B 45 12.45 -9.57 -54.02
N PRO B 46 12.69 -9.43 -55.34
CA PRO B 46 13.97 -8.90 -55.86
C PRO B 46 14.53 -7.65 -55.15
N ASP B 47 13.66 -6.67 -54.89
CA ASP B 47 14.07 -5.43 -54.19
C ASP B 47 14.56 -5.68 -52.74
N ASP B 48 13.98 -6.69 -52.07
CA ASP B 48 14.42 -7.05 -50.72
C ASP B 48 15.89 -7.49 -50.73
N ASP B 49 16.59 -7.28 -49.62
CA ASP B 49 18.04 -7.58 -49.57
C ASP B 49 18.21 -9.09 -49.44
N VAL B 50 18.71 -9.72 -50.51
CA VAL B 50 19.06 -11.13 -50.45
C VAL B 50 20.18 -11.34 -49.41
N SER B 51 21.12 -10.41 -49.39
CA SER B 51 22.37 -10.52 -48.61
C SER B 51 22.19 -10.86 -47.14
N THR B 52 21.27 -10.17 -46.48
CA THR B 52 20.94 -10.39 -45.05
C THR B 52 20.48 -11.82 -44.76
N LEU B 53 19.68 -12.37 -45.67
CA LEU B 53 19.18 -13.75 -45.56
C LEU B 53 20.26 -14.74 -45.92
N GLN B 54 21.01 -14.44 -46.98
CA GLN B 54 22.19 -15.24 -47.37
C GLN B 54 23.16 -15.37 -46.21
N LYS B 55 23.35 -14.29 -45.45
CA LYS B 55 24.20 -14.27 -44.26
C LYS B 55 23.64 -15.19 -43.14
N GLU B 56 22.34 -15.14 -42.92
CA GLU B 56 21.69 -16.02 -41.92
C GLU B 56 21.91 -17.50 -42.28
N ILE B 57 21.65 -17.86 -43.53
CA ILE B 57 21.87 -19.24 -44.01
C ILE B 57 23.33 -19.58 -43.78
N LEU B 58 24.24 -18.79 -44.37
CA LEU B 58 25.69 -19.00 -44.24
C LEU B 58 26.09 -19.23 -42.78
N ILE B 59 25.50 -18.46 -41.86
CA ILE B 59 25.75 -18.65 -40.42
C ILE B 59 25.33 -20.06 -40.01
N LEU B 60 24.08 -20.39 -40.29
CA LEU B 60 23.53 -21.73 -39.97
C LEU B 60 24.30 -22.87 -40.63
N LYS B 61 24.45 -22.82 -41.95
CA LYS B 61 25.23 -23.82 -42.72
C LYS B 61 26.66 -24.00 -42.20
N THR B 62 27.35 -22.89 -41.93
CA THR B 62 28.74 -22.87 -41.43
C THR B 62 28.87 -23.08 -39.91
N CYS B 63 27.77 -23.31 -39.21
CA CYS B 63 27.80 -23.62 -37.77
C CYS B 63 27.27 -25.04 -37.51
N ARG B 64 28.20 -25.95 -37.29
CA ARG B 64 27.91 -27.29 -36.80
C ARG B 64 28.41 -27.36 -35.35
N HIS B 65 27.48 -27.23 -34.41
CA HIS B 65 27.79 -27.36 -32.99
C HIS B 65 26.53 -27.83 -32.28
N ALA B 66 26.73 -28.60 -31.22
CA ALA B 66 25.66 -29.34 -30.51
C ALA B 66 24.58 -28.38 -30.05
N ASN B 67 25.04 -27.34 -29.36
CA ASN B 67 24.19 -26.27 -28.82
C ASN B 67 23.66 -25.19 -29.78
N ILE B 68 23.76 -25.42 -31.08
CA ILE B 68 23.21 -24.52 -32.09
C ILE B 68 22.30 -25.30 -33.04
N VAL B 69 21.10 -24.77 -33.27
CA VAL B 69 20.08 -25.40 -34.12
C VAL B 69 20.67 -25.90 -35.44
N ALA B 70 20.49 -27.18 -35.70
CA ALA B 70 20.97 -27.81 -36.91
C ALA B 70 20.19 -27.32 -38.13
N TYR B 71 20.93 -27.20 -39.21
CA TYR B 71 20.42 -26.77 -40.51
C TYR B 71 20.44 -27.94 -41.49
N HIS B 72 19.33 -28.12 -42.19
CA HIS B 72 19.18 -29.17 -43.20
C HIS B 72 19.37 -28.65 -44.61
N GLY B 73 18.62 -27.61 -44.93
CA GLY B 73 18.74 -26.93 -46.22
C GLY B 73 17.78 -25.76 -46.31
N SER B 74 17.67 -25.22 -47.51
CA SER B 74 16.73 -24.12 -47.75
C SER B 74 16.17 -24.14 -49.17
N TYR B 75 14.94 -23.66 -49.27
CA TYR B 75 14.15 -23.70 -50.51
C TYR B 75 13.69 -22.30 -50.91
N LEU B 76 13.99 -21.91 -52.15
CA LEU B 76 13.50 -20.66 -52.75
C LEU B 76 12.43 -21.02 -53.78
N TRP B 77 11.20 -20.53 -53.56
CA TRP B 77 10.06 -20.87 -54.42
C TRP B 77 8.94 -19.85 -54.31
N LEU B 78 8.39 -19.47 -55.47
CA LEU B 78 7.38 -18.41 -55.61
C LEU B 78 7.62 -17.17 -54.70
N GLN B 79 8.85 -16.67 -54.77
CA GLN B 79 9.35 -15.47 -54.04
C GLN B 79 9.21 -15.56 -52.52
N LYS B 80 9.24 -16.80 -52.02
CA LYS B 80 9.26 -17.10 -50.58
C LYS B 80 10.47 -17.99 -50.34
N LEU B 81 11.25 -17.63 -49.33
CA LEU B 81 12.41 -18.42 -48.91
C LEU B 81 12.05 -19.22 -47.66
N TRP B 82 12.27 -20.54 -47.74
CA TRP B 82 12.01 -21.46 -46.64
C TRP B 82 13.31 -22.01 -46.11
N ILE B 83 13.61 -21.73 -44.85
CA ILE B 83 14.80 -22.28 -44.19
C ILE B 83 14.38 -23.50 -43.36
N CYS B 84 15.02 -24.64 -43.63
CA CYS B 84 14.70 -25.93 -43.01
C CYS B 84 15.70 -26.35 -41.92
N MET B 85 15.17 -26.59 -40.72
CA MET B 85 15.99 -26.89 -39.54
C MET B 85 15.44 -28.06 -38.71
N GLU B 86 16.27 -28.55 -37.80
CA GLU B 86 15.87 -29.60 -36.85
C GLU B 86 14.74 -29.11 -35.99
N PHE B 87 13.75 -29.96 -35.75
CA PHE B 87 12.61 -29.61 -34.91
C PHE B 87 12.99 -29.71 -33.43
N CYS B 88 12.64 -28.68 -32.65
CA CYS B 88 12.85 -28.62 -31.21
C CYS B 88 11.49 -28.58 -30.55
N GLY B 89 10.99 -29.78 -30.23
CA GLY B 89 9.57 -30.04 -29.90
C GLY B 89 8.99 -29.36 -28.68
N ALA B 90 9.81 -29.19 -27.67
CA ALA B 90 9.37 -28.51 -26.43
C ALA B 90 9.25 -27.00 -26.63
N GLY B 91 9.92 -26.50 -27.67
CA GLY B 91 9.89 -25.09 -27.99
C GLY B 91 10.92 -24.31 -27.21
N SER B 92 10.64 -23.03 -27.01
CA SER B 92 11.58 -22.15 -26.34
C SER B 92 11.41 -22.24 -24.84
N LEU B 93 12.44 -21.89 -24.09
CA LEU B 93 12.31 -21.80 -22.64
C LEU B 93 11.19 -20.87 -22.18
N GLN B 94 10.86 -19.86 -22.97
CA GLN B 94 9.71 -18.98 -22.65
C GLN B 94 8.38 -19.72 -22.80
N ASP B 95 8.23 -20.38 -23.95
CA ASP B 95 7.08 -21.27 -24.18
C ASP B 95 6.89 -22.20 -22.99
N ILE B 96 7.98 -22.74 -22.52
CA ILE B 96 8.01 -23.72 -21.43
C ILE B 96 7.72 -23.10 -20.08
N TYR B 97 8.51 -22.12 -19.66
CA TYR B 97 8.35 -21.52 -18.29
C TYR B 97 7.01 -20.81 -18.06
N GLN B 98 6.38 -20.35 -19.14
CA GLN B 98 5.01 -19.83 -19.08
C GLN B 98 4.06 -20.86 -18.49
N VAL B 99 4.28 -22.12 -18.85
CA VAL B 99 3.50 -23.25 -18.30
C VAL B 99 4.05 -23.76 -16.97
N THR B 100 5.35 -24.00 -16.90
CA THR B 100 5.95 -24.70 -15.73
C THR B 100 6.26 -23.79 -14.55
N GLY B 101 6.25 -22.48 -14.79
CA GLY B 101 6.68 -21.53 -13.79
C GLY B 101 8.19 -21.55 -13.76
N SER B 102 8.77 -21.09 -12.66
CA SER B 102 10.18 -20.79 -12.67
C SER B 102 11.02 -22.05 -12.56
N LEU B 103 12.09 -22.06 -13.33
CA LEU B 103 13.10 -23.09 -13.29
C LEU B 103 13.87 -23.09 -11.95
N SER B 104 14.59 -24.18 -11.73
CA SER B 104 15.40 -24.40 -10.53
C SER B 104 16.81 -23.99 -10.81
N GLU B 105 17.58 -23.74 -9.75
CA GLU B 105 18.96 -23.29 -9.91
C GLU B 105 19.72 -24.24 -10.81
N LEU B 106 19.57 -25.55 -10.58
CA LEU B 106 20.33 -26.55 -11.35
C LEU B 106 19.88 -26.58 -12.80
N GLN B 107 18.58 -26.48 -13.04
CA GLN B 107 18.07 -26.42 -14.41
C GLN B 107 18.61 -25.18 -15.12
N ILE B 108 18.63 -24.08 -14.39
CA ILE B 108 19.19 -22.84 -14.89
C ILE B 108 20.67 -22.98 -15.18
N SER B 109 21.40 -23.56 -14.22
CA SER B 109 22.85 -23.84 -14.38
C SER B 109 23.13 -24.66 -15.65
N TYR B 110 22.38 -25.74 -15.85
CA TYR B 110 22.59 -26.60 -17.04
C TYR B 110 22.34 -25.77 -18.30
N VAL B 111 21.23 -25.03 -18.34
CA VAL B 111 20.92 -24.15 -19.49
C VAL B 111 22.03 -23.14 -19.75
N CYS B 112 22.48 -22.49 -18.70
CA CYS B 112 23.58 -21.52 -18.82
C CYS B 112 24.83 -22.17 -19.39
N ARG B 113 25.22 -23.31 -18.82
CA ARG B 113 26.39 -24.06 -19.31
C ARG B 113 26.26 -24.35 -20.81
N GLU B 114 25.09 -24.80 -21.23
CA GLU B 114 24.87 -25.19 -22.61
C GLU B 114 24.89 -24.01 -23.56
N VAL B 115 24.27 -22.90 -23.16
CA VAL B 115 24.33 -21.67 -23.95
C VAL B 115 25.77 -21.17 -24.10
N LEU B 116 26.47 -21.11 -22.97
CA LEU B 116 27.88 -20.66 -22.96
C LEU B 116 28.71 -21.44 -23.96
N GLN B 117 28.45 -22.73 -24.05
CA GLN B 117 29.13 -23.59 -25.02
C GLN B 117 28.83 -23.13 -26.43
N GLY B 118 27.57 -22.90 -26.71
CA GLY B 118 27.16 -22.38 -28.03
C GLY B 118 27.80 -21.05 -28.33
N LEU B 119 27.77 -20.16 -27.34
CA LEU B 119 28.34 -18.81 -27.48
C LEU B 119 29.83 -18.86 -27.74
N ALA B 120 30.53 -19.62 -26.90
CA ALA B 120 31.98 -19.82 -27.07
C ALA B 120 32.33 -20.29 -28.47
N TYR B 121 31.52 -21.21 -28.98
CA TYR B 121 31.70 -21.70 -30.35
C TYR B 121 31.49 -20.59 -31.36
N LEU B 122 30.37 -19.87 -31.24
CA LEU B 122 30.02 -18.76 -32.14
C LEU B 122 31.10 -17.67 -32.17
N HIS B 123 31.55 -17.30 -30.98
CA HIS B 123 32.56 -16.26 -30.82
C HIS B 123 33.89 -16.67 -31.43
N SER B 124 34.26 -17.94 -31.26
CA SER B 124 35.46 -18.49 -31.93
C SER B 124 35.36 -18.35 -33.46
N GLN B 125 34.15 -18.54 -34.00
CA GLN B 125 33.88 -18.33 -35.44
C GLN B 125 33.67 -16.85 -35.82
N LYS B 126 33.92 -15.95 -34.86
CA LYS B 126 33.79 -14.48 -35.04
C LYS B 126 32.37 -14.08 -35.44
N LYS B 127 31.40 -14.75 -34.83
CA LYS B 127 29.99 -14.46 -34.98
C LYS B 127 29.44 -14.04 -33.63
N ILE B 128 28.42 -13.21 -33.65
CA ILE B 128 27.72 -12.75 -32.44
C ILE B 128 26.24 -13.03 -32.60
N HIS B 129 25.59 -13.54 -31.56
CA HIS B 129 24.16 -13.82 -31.65
C HIS B 129 23.38 -12.52 -31.55
N ARG B 130 23.66 -11.78 -30.48
CA ARG B 130 23.09 -10.45 -30.17
C ARG B 130 21.60 -10.43 -29.80
N ASP B 131 20.99 -11.60 -29.66
CA ASP B 131 19.56 -11.72 -29.30
C ASP B 131 19.31 -12.94 -28.41
N ILE B 132 20.18 -13.10 -27.41
CA ILE B 132 20.08 -14.19 -26.46
C ILE B 132 19.00 -13.86 -25.44
N LYS B 133 17.93 -14.62 -25.46
CA LYS B 133 16.89 -14.59 -24.43
C LYS B 133 16.14 -15.94 -24.39
N GLY B 134 15.40 -16.17 -23.30
CA GLY B 134 14.51 -17.33 -23.16
C GLY B 134 13.80 -17.79 -24.44
N ALA B 135 13.25 -16.85 -25.17
CA ALA B 135 12.43 -17.12 -26.36
C ALA B 135 13.22 -17.61 -27.57
N ASN B 136 14.54 -17.52 -27.49
CA ASN B 136 15.44 -17.99 -28.56
C ASN B 136 16.30 -19.19 -28.15
N ILE B 137 16.23 -19.61 -26.89
CA ILE B 137 16.88 -20.82 -26.42
C ILE B 137 15.87 -21.95 -26.54
N LEU B 138 16.03 -22.76 -27.57
CA LEU B 138 15.12 -23.87 -27.82
C LEU B 138 15.51 -25.18 -27.12
N ILE B 139 14.47 -25.92 -26.74
CA ILE B 139 14.59 -27.25 -26.12
C ILE B 139 13.95 -28.32 -27.02
N ASN B 140 14.71 -29.37 -27.31
CA ASN B 140 14.14 -30.54 -28.03
C ASN B 140 13.59 -31.59 -27.06
N ASP B 141 12.79 -32.52 -27.59
CA ASP B 141 12.17 -33.58 -26.75
C ASP B 141 13.18 -34.43 -25.93
N ALA B 142 14.43 -34.47 -26.38
CA ALA B 142 15.59 -35.04 -25.65
C ALA B 142 16.25 -34.15 -24.56
N GLY B 143 15.69 -32.96 -24.33
CA GLY B 143 16.25 -32.00 -23.36
C GLY B 143 17.56 -31.31 -23.74
N GLU B 144 17.88 -31.34 -25.03
CA GLU B 144 19.07 -30.68 -25.52
C GLU B 144 18.76 -29.19 -25.79
N VAL B 145 19.76 -28.37 -25.54
CA VAL B 145 19.62 -26.93 -25.61
C VAL B 145 20.18 -26.42 -26.93
N ARG B 146 19.35 -25.66 -27.63
CA ARG B 146 19.69 -25.14 -28.96
C ARG B 146 19.46 -23.64 -29.09
N LEU B 147 20.50 -22.91 -29.51
CA LEU B 147 20.36 -21.47 -29.79
C LEU B 147 19.69 -21.29 -31.13
N ALA B 148 18.70 -20.40 -31.20
CA ALA B 148 17.97 -20.11 -32.46
C ALA B 148 17.77 -18.60 -32.70
N ASP B 149 17.31 -18.24 -33.91
CA ASP B 149 17.01 -16.85 -34.33
C ASP B 149 18.30 -16.05 -34.52
N PHE B 150 18.95 -16.25 -35.66
CA PHE B 150 20.18 -15.53 -36.02
C PHE B 150 19.90 -14.34 -36.95
N GLY B 151 18.62 -13.96 -37.09
CA GLY B 151 18.24 -12.87 -38.01
C GLY B 151 18.92 -11.54 -37.70
N ILE B 152 19.03 -11.21 -36.42
CA ILE B 152 19.78 -10.03 -35.98
C ILE B 152 21.27 -10.28 -36.23
N SER B 153 21.81 -11.39 -35.74
CA SER B 153 23.23 -11.73 -35.98
C SER B 153 23.60 -11.58 -37.45
N ALA B 154 22.68 -12.04 -38.30
CA ALA B 154 22.81 -11.93 -39.76
C ALA B 154 22.90 -10.47 -40.22
N GLN B 155 22.09 -9.61 -39.60
CA GLN B 155 22.18 -8.16 -39.83
C GLN B 155 23.57 -7.54 -39.55
N ILE B 167 29.99 8.98 -42.70
CA ILE B 167 31.33 9.07 -42.11
C ILE B 167 31.86 10.52 -42.26
N GLY B 168 32.32 11.08 -41.14
CA GLY B 168 32.88 12.43 -41.05
C GLY B 168 34.31 12.47 -41.52
N THR B 169 34.93 13.63 -41.42
CA THR B 169 36.35 13.73 -41.64
C THR B 169 37.09 13.32 -40.37
N PRO B 170 37.99 12.32 -40.44
CA PRO B 170 38.55 11.79 -39.20
C PRO B 170 39.46 12.73 -38.39
N TYR B 171 40.06 13.73 -39.02
CA TYR B 171 41.09 14.53 -38.33
C TYR B 171 40.48 15.40 -37.23
N TRP B 172 39.21 15.78 -37.38
CA TRP B 172 38.41 16.50 -36.36
C TRP B 172 37.50 15.59 -35.53
N MET B 173 37.58 14.29 -35.79
CA MET B 173 36.78 13.27 -35.12
C MET B 173 37.31 12.96 -33.72
N ALA B 174 36.40 12.78 -32.79
CA ALA B 174 36.74 12.51 -31.41
C ALA B 174 37.09 11.04 -31.26
N PRO B 175 37.99 10.68 -30.33
CA PRO B 175 38.45 9.28 -30.23
C PRO B 175 37.31 8.26 -30.07
N GLU B 176 36.38 8.55 -29.17
CA GLU B 176 35.19 7.71 -28.98
C GLU B 176 34.40 7.47 -30.27
N VAL B 177 34.30 8.50 -31.09
CA VAL B 177 33.60 8.39 -32.38
C VAL B 177 34.38 7.47 -33.30
N ALA B 178 35.70 7.61 -33.27
CA ALA B 178 36.60 6.80 -34.08
C ALA B 178 36.49 5.33 -33.71
N ALA B 179 36.43 5.08 -32.41
CA ALA B 179 36.29 3.73 -31.86
C ALA B 179 35.02 3.06 -32.36
N VAL B 180 33.92 3.78 -32.33
CA VAL B 180 32.64 3.24 -32.77
C VAL B 180 32.68 3.01 -34.28
N ALA B 181 33.31 3.92 -35.00
CA ALA B 181 33.36 3.87 -36.47
C ALA B 181 34.10 2.64 -36.95
N LEU B 182 35.19 2.35 -36.25
CA LEU B 182 36.11 1.26 -36.63
C LEU B 182 35.69 -0.14 -36.09
N LYS B 183 35.18 -0.19 -34.85
CA LYS B 183 34.84 -1.44 -34.15
C LYS B 183 33.38 -1.75 -33.92
N GLY B 184 32.56 -0.72 -33.92
CA GLY B 184 31.10 -0.87 -33.94
C GLY B 184 30.43 -0.36 -32.69
N CYS B 185 31.23 -0.14 -31.64
CA CYS B 185 30.71 0.32 -30.34
C CYS B 185 30.35 -0.81 -29.38
N TYR B 186 30.42 -2.05 -29.88
CA TYR B 186 30.25 -3.25 -29.06
C TYR B 186 30.84 -4.50 -29.68
N ASN B 187 31.01 -5.50 -28.83
CA ASN B 187 31.65 -6.76 -29.21
C ASN B 187 30.87 -8.01 -28.73
N GLU B 188 31.44 -9.18 -29.03
CA GLU B 188 30.89 -10.50 -28.63
C GLU B 188 30.36 -10.59 -27.19
N LEU B 189 31.00 -9.87 -26.28
CA LEU B 189 30.65 -9.90 -24.86
C LEU B 189 29.29 -9.37 -24.51
N CYS B 190 28.61 -8.70 -25.44
CA CYS B 190 27.20 -8.35 -25.23
C CYS B 190 26.33 -9.59 -24.96
N ASP B 191 26.64 -10.69 -25.64
CA ASP B 191 25.95 -11.97 -25.46
C ASP B 191 26.05 -12.48 -24.01
N ILE B 192 27.24 -12.39 -23.44
CA ILE B 192 27.46 -12.77 -22.02
C ILE B 192 26.50 -12.01 -21.11
N TRP B 193 26.36 -10.70 -21.34
CA TRP B 193 25.39 -9.88 -20.56
C TRP B 193 24.01 -10.45 -20.71
N SER B 194 23.62 -10.70 -21.95
CA SER B 194 22.27 -11.18 -22.22
C SER B 194 21.98 -12.50 -21.49
N LEU B 195 23.00 -13.37 -21.42
CA LEU B 195 22.86 -14.64 -20.73
C LEU B 195 22.52 -14.38 -19.27
N GLY B 196 23.33 -13.51 -18.64
CA GLY B 196 23.06 -13.03 -17.28
C GLY B 196 21.59 -12.65 -17.12
N ILE B 197 21.10 -11.78 -18.00
CA ILE B 197 19.68 -11.35 -17.95
C ILE B 197 18.76 -12.56 -18.17
N THR B 198 19.10 -13.41 -19.11
CA THR B 198 18.32 -14.62 -19.37
C THR B 198 18.23 -15.55 -18.14
N ALA B 199 19.35 -15.75 -17.47
CA ALA B 199 19.35 -16.51 -16.22
C ALA B 199 18.33 -15.94 -15.24
N ILE B 200 18.25 -14.60 -15.15
CA ILE B 200 17.25 -13.94 -14.30
C ILE B 200 15.84 -14.24 -14.83
N GLU B 201 15.66 -14.14 -16.14
CA GLU B 201 14.37 -14.43 -16.78
C GLU B 201 13.83 -15.77 -16.31
N LEU B 202 14.72 -16.78 -16.36
CA LEU B 202 14.35 -18.17 -16.06
C LEU B 202 14.01 -18.35 -14.58
N ALA B 203 14.70 -17.57 -13.77
CA ALA B 203 14.45 -17.53 -12.32
C ALA B 203 13.19 -16.78 -11.91
N GLU B 204 12.84 -15.75 -12.67
CA GLU B 204 11.78 -14.79 -12.26
C GLU B 204 10.61 -14.61 -13.21
N LEU B 205 10.64 -15.31 -14.36
CA LEU B 205 9.56 -15.27 -15.36
C LEU B 205 9.50 -14.00 -16.19
N GLN B 206 10.43 -13.09 -15.96
CA GLN B 206 10.61 -11.92 -16.80
C GLN B 206 11.97 -11.28 -16.52
N PRO B 207 12.52 -10.55 -17.53
CA PRO B 207 13.78 -9.87 -17.27
C PRO B 207 13.57 -8.68 -16.37
N PRO B 208 14.65 -8.14 -15.79
CA PRO B 208 14.49 -6.92 -14.98
C PRO B 208 13.91 -5.77 -15.78
N LEU B 209 13.10 -4.96 -15.10
CA LEU B 209 12.48 -3.76 -15.66
C LEU B 209 11.44 -4.03 -16.74
N PHE B 210 10.92 -5.25 -16.81
CA PHE B 210 9.94 -5.63 -17.87
C PHE B 210 8.65 -4.84 -17.81
N ASP B 211 8.27 -4.42 -16.60
CA ASP B 211 7.10 -3.56 -16.37
C ASP B 211 7.29 -2.10 -16.83
N VAL B 212 8.55 -1.66 -16.85
CA VAL B 212 8.95 -0.30 -17.30
C VAL B 212 8.88 -0.21 -18.82
N HIS B 213 8.54 0.97 -19.33
CA HIS B 213 8.42 1.24 -20.77
C HIS B 213 9.76 1.04 -21.49
N PRO B 214 9.76 0.42 -22.67
CA PRO B 214 11.04 0.08 -23.33
C PRO B 214 11.95 1.27 -23.64
N LEU B 215 11.41 2.28 -24.29
CA LEU B 215 12.17 3.50 -24.58
C LEU B 215 12.83 4.05 -23.32
N ARG B 216 12.07 4.07 -22.23
CA ARG B 216 12.55 4.55 -20.93
C ARG B 216 13.71 3.72 -20.42
N VAL B 217 13.63 2.41 -20.64
CA VAL B 217 14.67 1.48 -20.20
C VAL B 217 15.97 1.73 -20.97
N LEU B 218 15.86 1.92 -22.28
CA LEU B 218 17.02 2.33 -23.09
C LEU B 218 17.69 3.57 -22.52
N PHE B 219 16.90 4.62 -22.28
CA PHE B 219 17.38 5.83 -21.62
C PHE B 219 18.11 5.51 -20.33
N LEU B 220 17.49 4.73 -19.45
CA LEU B 220 18.07 4.41 -18.12
C LEU B 220 19.44 3.75 -18.25
N MET B 221 19.53 2.85 -19.21
CA MET B 221 20.75 2.06 -19.46
C MET B 221 21.93 2.92 -19.91
N THR B 222 21.63 4.05 -20.51
CA THR B 222 22.65 4.95 -21.06
C THR B 222 23.10 6.06 -20.09
N LYS B 223 22.37 6.22 -18.98
CA LYS B 223 22.79 7.11 -17.89
C LYS B 223 24.10 6.64 -17.26
N SER B 224 24.82 7.60 -16.69
CA SER B 224 26.12 7.36 -16.04
C SER B 224 26.01 6.29 -14.97
N GLY B 225 25.12 6.54 -14.01
CA GLY B 225 25.00 5.70 -12.81
C GLY B 225 24.11 4.46 -12.88
N TYR B 226 23.94 3.90 -14.07
CA TYR B 226 23.09 2.74 -14.24
C TYR B 226 23.69 1.55 -13.49
N GLN B 227 22.92 1.03 -12.52
CA GLN B 227 23.34 -0.15 -11.72
C GLN B 227 22.85 -1.45 -12.39
N PRO B 228 23.76 -2.43 -12.59
CA PRO B 228 23.26 -3.72 -13.08
C PRO B 228 22.22 -4.37 -12.16
N PRO B 229 21.22 -5.03 -12.75
CA PRO B 229 20.23 -5.72 -11.94
C PRO B 229 20.78 -6.96 -11.25
N ARG B 230 20.03 -7.39 -10.24
CA ARG B 230 20.34 -8.56 -9.42
C ARG B 230 19.10 -9.41 -9.32
N LEU B 231 19.25 -10.61 -8.77
CA LEU B 231 18.11 -11.48 -8.48
C LEU B 231 17.35 -10.86 -7.32
N LYS B 232 16.03 -10.75 -7.46
CA LYS B 232 15.15 -10.22 -6.42
C LYS B 232 15.33 -10.96 -5.13
N GLU B 233 15.35 -12.29 -5.22
CA GLU B 233 15.27 -13.17 -4.05
C GLU B 233 16.63 -13.61 -3.56
N LYS B 234 17.20 -12.89 -2.61
CA LYS B 234 18.56 -13.19 -2.13
C LYS B 234 18.70 -14.63 -1.58
N GLY B 235 17.80 -15.01 -0.68
CA GLY B 235 17.83 -16.34 0.00
C GLY B 235 17.58 -17.62 -0.82
N LYS B 236 16.65 -17.55 -1.76
CA LYS B 236 16.30 -18.68 -2.65
C LYS B 236 17.45 -19.26 -3.50
N TRP B 237 18.51 -18.49 -3.69
CA TRP B 237 19.62 -18.91 -4.55
C TRP B 237 20.94 -18.91 -3.84
N SER B 238 21.88 -19.58 -4.46
CA SER B 238 23.18 -19.80 -3.88
C SER B 238 24.10 -18.62 -4.17
N ALA B 239 25.18 -18.56 -3.40
CA ALA B 239 26.23 -17.57 -3.60
C ALA B 239 26.78 -17.65 -5.01
N ALA B 240 27.00 -18.88 -5.46
CA ALA B 240 27.55 -19.12 -6.80
C ALA B 240 26.63 -18.59 -7.89
N PHE B 241 25.32 -18.67 -7.67
CA PHE B 241 24.35 -18.17 -8.66
C PHE B 241 24.38 -16.65 -8.71
N HIS B 242 24.27 -16.02 -7.55
CA HIS B 242 24.39 -14.55 -7.41
C HIS B 242 25.66 -14.02 -8.07
N ASN B 243 26.78 -14.65 -7.76
CA ASN B 243 28.06 -14.29 -8.35
C ASN B 243 28.09 -14.43 -9.86
N PHE B 244 27.61 -15.56 -10.36
CA PHE B 244 27.45 -15.76 -11.81
C PHE B 244 26.78 -14.53 -12.48
N ILE B 245 25.77 -14.00 -11.82
CA ILE B 245 25.03 -12.87 -12.33
C ILE B 245 25.83 -11.57 -12.20
N LYS B 246 26.31 -11.30 -10.99
CA LYS B 246 27.23 -10.17 -10.72
C LYS B 246 28.26 -10.01 -11.83
N VAL B 247 28.90 -11.13 -12.13
CA VAL B 247 30.00 -11.20 -13.07
C VAL B 247 29.57 -11.08 -14.53
N THR B 248 28.55 -11.84 -14.93
CA THR B 248 28.06 -11.77 -16.32
C THR B 248 27.47 -10.40 -16.62
N LEU B 249 26.80 -9.83 -15.63
CA LEU B 249 26.28 -8.46 -15.69
C LEU B 249 27.29 -7.43 -15.15
N THR B 250 28.51 -7.50 -15.69
CA THR B 250 29.50 -6.45 -15.51
C THR B 250 29.16 -5.35 -16.52
N LYS B 251 29.01 -4.13 -16.01
CA LYS B 251 28.67 -2.96 -16.86
C LYS B 251 29.70 -2.75 -17.98
N SER B 252 30.96 -2.73 -17.59
CA SER B 252 32.06 -2.51 -18.52
C SER B 252 32.45 -3.74 -19.33
N PRO B 253 32.31 -3.70 -20.67
CA PRO B 253 32.83 -4.84 -21.48
C PRO B 253 34.36 -5.02 -21.49
N LYS B 254 35.11 -4.02 -21.08
CA LYS B 254 36.55 -4.20 -20.85
C LYS B 254 36.81 -5.19 -19.68
N LYS B 255 35.89 -5.23 -18.72
CA LYS B 255 36.02 -6.07 -17.50
C LYS B 255 35.01 -7.24 -17.38
N ARG B 256 34.13 -7.43 -18.37
CA ARG B 256 33.17 -8.55 -18.43
C ARG B 256 33.86 -9.79 -19.02
N PRO B 257 33.69 -10.97 -18.39
CA PRO B 257 34.48 -12.12 -18.87
C PRO B 257 33.88 -12.82 -20.06
N SER B 258 34.74 -13.50 -20.81
CA SER B 258 34.31 -14.19 -22.03
C SER B 258 33.55 -15.47 -21.72
N ALA B 259 32.79 -15.96 -22.71
CA ALA B 259 32.12 -17.26 -22.64
C ALA B 259 33.05 -18.37 -22.08
N THR B 260 34.21 -18.50 -22.70
CA THR B 260 35.22 -19.46 -22.27
C THR B 260 35.58 -19.31 -20.80
N LYS B 261 35.91 -18.08 -20.40
CA LYS B 261 36.22 -17.80 -18.98
C LYS B 261 35.03 -18.22 -18.10
N MET B 262 33.83 -17.93 -18.59
CA MET B 262 32.57 -18.24 -17.89
C MET B 262 32.33 -19.74 -17.71
N LEU B 263 32.71 -20.55 -18.70
CA LEU B 263 32.53 -22.01 -18.61
C LEU B 263 33.26 -22.64 -17.41
N SER B 264 34.38 -22.06 -17.02
CA SER B 264 35.09 -22.44 -15.79
C SER B 264 34.48 -21.87 -14.50
N HIS B 265 33.35 -21.16 -14.59
CA HIS B 265 32.65 -20.66 -13.41
C HIS B 265 31.99 -21.79 -12.61
N GLN B 266 32.06 -21.64 -11.30
CA GLN B 266 31.59 -22.66 -10.33
C GLN B 266 30.18 -23.20 -10.61
N LEU B 267 29.26 -22.29 -10.85
CA LEU B 267 27.85 -22.65 -11.11
C LEU B 267 27.68 -23.57 -12.31
N VAL B 268 28.35 -23.25 -13.41
CA VAL B 268 28.20 -24.01 -14.67
C VAL B 268 29.18 -25.16 -14.88
N SER B 269 30.18 -25.26 -14.01
CA SER B 269 31.16 -26.36 -14.04
C SER B 269 30.97 -27.42 -12.95
N GLN B 270 30.00 -27.23 -12.06
CA GLN B 270 29.65 -28.23 -11.02
C GLN B 270 29.15 -29.53 -11.66
N PRO B 271 29.37 -30.67 -10.98
CA PRO B 271 28.88 -31.93 -11.54
C PRO B 271 27.38 -32.13 -11.32
N GLY B 272 26.85 -33.15 -11.99
CA GLY B 272 25.42 -33.43 -11.97
C GLY B 272 24.57 -32.58 -12.90
N LEU B 273 25.20 -31.83 -13.78
CA LEU B 273 24.48 -31.07 -14.79
C LEU B 273 24.35 -31.93 -16.04
N ASN B 274 23.12 -32.34 -16.38
CA ASN B 274 22.80 -33.03 -17.64
C ASN B 274 21.36 -32.87 -18.07
N ARG B 275 21.05 -33.33 -19.30
CA ARG B 275 19.68 -33.21 -19.89
C ARG B 275 18.54 -33.77 -19.05
N GLY B 276 18.85 -34.67 -18.12
CA GLY B 276 17.83 -35.20 -17.17
C GLY B 276 17.06 -34.09 -16.49
N LEU B 277 17.82 -33.11 -16.01
CA LEU B 277 17.30 -31.91 -15.37
C LEU B 277 16.25 -31.25 -16.23
N ILE B 278 16.49 -31.20 -17.54
CA ILE B 278 15.54 -30.60 -18.49
C ILE B 278 14.37 -31.51 -18.79
N LEU B 279 14.66 -32.79 -18.90
CA LEU B 279 13.59 -33.79 -19.03
C LEU B 279 12.59 -33.73 -17.88
N ASP B 280 13.08 -33.55 -16.65
CA ASP B 280 12.21 -33.31 -15.47
C ASP B 280 11.27 -32.13 -15.72
N LEU B 281 11.83 -31.03 -16.20
CA LEU B 281 11.06 -29.81 -16.54
C LEU B 281 9.98 -30.09 -17.59
N LEU B 282 10.36 -30.78 -18.66
CA LEU B 282 9.39 -31.16 -19.70
C LEU B 282 8.27 -32.12 -19.23
N ASP B 283 8.55 -32.89 -18.18
CA ASP B 283 7.48 -33.68 -17.53
C ASP B 283 6.45 -32.76 -16.85
N LYS B 284 6.97 -31.72 -16.20
CA LYS B 284 6.14 -30.70 -15.55
C LYS B 284 5.21 -29.97 -16.54
N LEU B 285 5.60 -29.95 -17.80
CA LEU B 285 4.76 -29.47 -18.93
C LEU B 285 3.42 -30.19 -19.05
N LYS B 286 3.41 -31.47 -18.70
CA LYS B 286 2.20 -32.26 -18.55
C LYS B 286 1.93 -32.40 -17.05
N ASN B 287 1.68 -31.27 -16.39
CA ASN B 287 1.61 -31.12 -14.91
C ASN B 287 1.14 -32.35 -14.15
N ILE C 2 5.56 15.55 -19.57
CA ILE C 2 4.22 15.95 -19.04
C ILE C 2 3.17 15.34 -19.96
N PHE C 3 2.28 14.54 -19.38
CA PHE C 3 1.23 13.85 -20.13
C PHE C 3 0.09 14.81 -20.48
N ASN C 4 -0.01 15.22 -21.75
CA ASN C 4 -1.15 16.04 -22.22
C ASN C 4 -2.43 15.21 -22.38
N ARG C 5 -3.07 14.91 -21.26
CA ARG C 5 -4.33 14.18 -21.26
C ARG C 5 -5.08 14.32 -19.94
N ASP C 6 -6.37 13.97 -19.97
CA ASP C 6 -7.23 13.98 -18.77
C ASP C 6 -6.73 12.91 -17.76
N PRO C 7 -6.41 13.29 -16.49
CA PRO C 7 -5.94 12.22 -15.58
C PRO C 7 -7.06 11.33 -14.99
N ARG C 8 -8.32 11.80 -15.05
CA ARG C 8 -9.51 10.96 -14.74
C ARG C 8 -9.57 9.69 -15.60
N ASP C 9 -8.86 9.69 -16.73
CA ASP C 9 -8.58 8.46 -17.51
C ASP C 9 -7.77 7.43 -16.71
N HIS C 10 -6.60 7.85 -16.22
CA HIS C 10 -5.64 6.99 -15.50
C HIS C 10 -5.93 6.77 -14.00
N TYR C 11 -6.78 7.63 -13.43
CA TYR C 11 -7.06 7.64 -11.99
C TYR C 11 -8.51 7.97 -11.70
N ASP C 12 -8.94 7.63 -10.49
CA ASP C 12 -10.29 7.96 -10.00
C ASP C 12 -10.20 8.92 -8.81
N LEU C 13 -10.85 10.08 -8.94
CA LEU C 13 -10.83 11.14 -7.91
C LEU C 13 -11.74 10.75 -6.76
N LEU C 14 -11.13 10.26 -5.68
CA LEU C 14 -11.87 9.81 -4.50
C LEU C 14 -12.35 11.02 -3.70
N GLN C 15 -11.42 11.81 -3.19
CA GLN C 15 -11.83 12.99 -2.40
C GLN C 15 -10.77 14.08 -2.27
N ARG C 16 -11.28 15.27 -1.96
CA ARG C 16 -10.47 16.47 -1.78
C ARG C 16 -9.91 16.49 -0.34
N LEU C 17 -8.64 16.83 -0.22
CA LEU C 17 -7.92 16.87 1.07
C LEU C 17 -7.67 18.29 1.57
N GLY C 18 -8.19 19.28 0.85
CA GLY C 18 -7.96 20.68 1.19
C GLY C 18 -7.19 21.38 0.11
N GLY C 19 -6.96 22.67 0.32
CA GLY C 19 -6.25 23.49 -0.66
C GLY C 19 -6.17 24.95 -0.29
N GLY C 20 -5.74 25.74 -1.26
CA GLY C 20 -5.58 27.19 -1.14
C GLY C 20 -5.72 27.82 -2.51
N THR C 21 -5.42 29.11 -2.62
CA THR C 21 -5.35 29.76 -3.96
C THR C 21 -4.24 29.09 -4.77
N TYR C 22 -3.16 28.76 -4.07
CA TYR C 22 -1.98 28.10 -4.65
C TYR C 22 -2.23 26.67 -5.16
N GLY C 23 -3.06 25.88 -4.47
CA GLY C 23 -3.38 24.52 -4.97
C GLY C 23 -4.56 23.81 -4.33
N GLU C 24 -4.98 22.73 -4.97
CA GLU C 24 -6.02 21.79 -4.46
C GLU C 24 -5.42 20.38 -4.44
N VAL C 25 -5.55 19.68 -3.31
CA VAL C 25 -4.96 18.33 -3.13
C VAL C 25 -6.06 17.27 -3.08
N PHE C 26 -5.88 16.25 -3.92
CA PHE C 26 -6.86 15.16 -4.06
C PHE C 26 -6.24 13.80 -3.76
N LYS C 27 -6.98 13.02 -2.97
CA LYS C 27 -6.76 11.58 -2.84
C LYS C 27 -7.35 10.92 -4.09
N ALA C 28 -6.58 10.02 -4.68
CA ALA C 28 -7.04 9.29 -5.87
C ALA C 28 -6.44 7.90 -5.99
N ARG C 29 -7.13 7.04 -6.73
CA ARG C 29 -6.75 5.63 -6.92
C ARG C 29 -6.41 5.34 -8.39
N ASP C 30 -5.31 4.63 -8.60
CA ASP C 30 -4.85 4.18 -9.93
C ASP C 30 -5.76 3.06 -10.48
N LYS C 31 -6.43 3.35 -11.61
CA LYS C 31 -7.34 2.38 -12.29
C LYS C 31 -6.72 1.03 -12.70
N VAL C 32 -5.40 1.00 -12.93
CA VAL C 32 -4.67 -0.24 -13.31
C VAL C 32 -4.14 -0.96 -12.06
N SER C 33 -3.20 -0.32 -11.39
CA SER C 33 -2.53 -0.88 -10.21
C SER C 33 -3.44 -1.01 -8.98
N GLY C 34 -4.47 -0.16 -8.88
CA GLY C 34 -5.32 -0.07 -7.68
C GLY C 34 -4.73 0.76 -6.55
N ASP C 35 -3.47 1.14 -6.67
CA ASP C 35 -2.73 1.86 -5.63
C ASP C 35 -3.22 3.30 -5.49
N LEU C 36 -3.10 3.84 -4.28
CA LEU C 36 -3.51 5.21 -4.02
C LEU C 36 -2.42 6.21 -4.42
N VAL C 37 -2.86 7.35 -4.93
CA VAL C 37 -1.96 8.52 -5.20
C VAL C 37 -2.51 9.81 -4.66
N ALA C 38 -1.57 10.71 -4.40
CA ALA C 38 -1.89 12.10 -4.12
C ALA C 38 -1.82 12.83 -5.45
N LEU C 39 -2.86 13.60 -5.73
CA LEU C 39 -2.94 14.48 -6.91
C LEU C 39 -3.05 15.95 -6.49
N LYS C 40 -2.01 16.74 -6.80
CA LYS C 40 -2.05 18.21 -6.58
C LYS C 40 -2.53 18.93 -7.86
N MET C 41 -3.70 19.58 -7.76
CA MET C 41 -4.31 20.32 -8.88
C MET C 41 -4.02 21.81 -8.77
N VAL C 42 -3.47 22.39 -9.84
CA VAL C 42 -3.22 23.82 -9.92
C VAL C 42 -3.92 24.36 -11.15
N LYS C 43 -4.69 25.44 -10.94
CA LYS C 43 -5.31 26.18 -12.05
C LYS C 43 -4.24 26.93 -12.85
N MET C 44 -4.39 26.89 -14.18
CA MET C 44 -3.49 27.58 -15.12
C MET C 44 -4.22 28.80 -15.60
N GLU C 45 -4.03 29.91 -14.89
CA GLU C 45 -4.60 31.20 -15.30
C GLU C 45 -3.81 31.82 -16.46
N PRO C 46 -4.47 32.65 -17.30
CA PRO C 46 -3.76 33.09 -18.51
C PRO C 46 -2.61 34.09 -18.30
N ASP C 47 -2.75 35.01 -17.35
CA ASP C 47 -1.76 36.09 -17.13
C ASP C 47 -0.71 35.75 -16.07
N ASP C 48 -0.32 34.48 -15.98
CA ASP C 48 0.64 34.00 -14.98
C ASP C 48 1.89 33.34 -15.59
N ASP C 49 3.00 33.42 -14.84
CA ASP C 49 4.26 32.74 -15.20
C ASP C 49 4.23 31.28 -14.66
N VAL C 50 4.31 30.31 -15.58
CA VAL C 50 4.35 28.88 -15.29
C VAL C 50 5.74 28.43 -14.83
N SER C 51 6.77 29.25 -15.04
CA SER C 51 8.16 28.97 -14.59
C SER C 51 8.23 28.44 -13.16
N THR C 52 7.52 29.12 -12.26
CA THR C 52 7.43 28.74 -10.83
C THR C 52 6.93 27.29 -10.60
N LEU C 53 5.92 26.90 -11.37
CA LEU C 53 5.33 25.55 -11.29
C LEU C 53 6.25 24.52 -11.98
N GLN C 54 6.80 24.88 -13.14
CA GLN C 54 7.78 24.04 -13.85
C GLN C 54 9.03 23.76 -13.01
N LYS C 55 9.44 24.75 -12.22
CA LYS C 55 10.56 24.59 -11.25
C LYS C 55 10.22 23.57 -10.17
N GLU C 56 8.98 23.62 -9.67
CA GLU C 56 8.50 22.63 -8.69
C GLU C 56 8.57 21.21 -9.27
N ILE C 57 8.03 21.04 -10.47
CA ILE C 57 8.05 19.74 -11.13
C ILE C 57 9.52 19.29 -11.22
N LEU C 58 10.33 20.12 -11.88
CA LEU C 58 11.75 19.80 -12.11
C LEU C 58 12.47 19.38 -10.81
N ILE C 59 12.16 20.06 -9.69
CA ILE C 59 12.75 19.66 -8.38
C ILE C 59 12.25 18.27 -7.94
N LEU C 60 10.93 18.04 -8.01
CA LEU C 60 10.35 16.70 -7.73
C LEU C 60 10.91 15.58 -8.64
N LYS C 61 10.81 15.79 -9.95
CA LYS C 61 11.34 14.83 -10.95
C LYS C 61 12.82 14.52 -10.75
N THR C 62 13.63 15.55 -10.49
CA THR C 62 15.09 15.40 -10.27
C THR C 62 15.47 14.96 -8.85
N CYS C 63 14.49 14.75 -7.97
CA CYS C 63 14.73 14.24 -6.60
C CYS C 63 14.20 12.83 -6.42
N ARG C 64 15.12 11.87 -6.42
CA ARG C 64 14.84 10.48 -6.10
C ARG C 64 15.54 10.15 -4.77
N HIS C 65 14.79 10.20 -3.68
CA HIS C 65 15.31 9.85 -2.34
C HIS C 65 14.19 9.36 -1.44
N ALA C 66 14.54 8.46 -0.53
CA ALA C 66 13.57 7.73 0.32
C ALA C 66 12.67 8.65 1.13
N ASN C 67 13.34 9.58 1.79
CA ASN C 67 12.71 10.64 2.59
C ASN C 67 12.10 11.85 1.88
N ILE C 68 11.94 11.77 0.56
CA ILE C 68 11.28 12.81 -0.22
C ILE C 68 10.15 12.21 -1.03
N VAL C 69 8.97 12.82 -0.94
CA VAL C 69 7.76 12.34 -1.62
C VAL C 69 8.05 11.99 -3.07
N ALA C 70 7.73 10.75 -3.41
CA ALA C 70 7.95 10.25 -4.75
C ALA C 70 6.99 10.92 -5.73
N TYR C 71 7.55 11.17 -6.91
CA TYR C 71 6.88 11.81 -8.03
C TYR C 71 6.64 10.77 -9.11
N HIS C 72 5.39 10.65 -9.55
CA HIS C 72 5.00 9.67 -10.56
C HIS C 72 4.97 10.30 -11.93
N GLY C 73 4.25 11.41 -12.02
CA GLY C 73 4.21 12.21 -13.23
C GLY C 73 3.31 13.42 -13.05
N SER C 74 3.02 14.07 -14.17
CA SER C 74 2.09 15.20 -14.17
C SER C 74 1.28 15.28 -15.45
N TYR C 75 0.07 15.80 -15.30
CA TYR C 75 -0.93 15.86 -16.36
C TYR C 75 -1.39 17.31 -16.57
N LEU C 76 -1.30 17.76 -17.82
CA LEU C 76 -1.82 19.08 -18.25
C LEU C 76 -3.06 18.90 -19.13
N TRP C 77 -4.18 19.41 -18.64
CA TRP C 77 -5.46 19.23 -19.32
C TRP C 77 -6.47 20.31 -18.92
N LEU C 78 -7.19 20.87 -19.91
CA LEU C 78 -8.24 21.89 -19.70
C LEU C 78 -7.85 23.05 -18.76
N GLN C 79 -6.66 23.59 -18.98
CA GLN C 79 -6.11 24.69 -18.18
C GLN C 79 -5.98 24.35 -16.69
N LYS C 80 -5.72 23.07 -16.39
CA LYS C 80 -5.46 22.58 -15.03
C LYS C 80 -4.25 21.66 -15.10
N LEU C 81 -3.31 21.89 -14.19
CA LEU C 81 -2.13 21.04 -14.05
C LEU C 81 -2.29 20.13 -12.82
N TRP C 82 -2.14 18.83 -13.05
CA TRP C 82 -2.24 17.82 -11.98
C TRP C 82 -0.88 17.21 -11.74
N ILE C 83 -0.35 17.38 -10.54
CA ILE C 83 0.92 16.77 -10.14
C ILE C 83 0.60 15.50 -9.34
N CYS C 84 1.11 14.37 -9.84
CA CYS C 84 0.83 13.04 -9.29
C CYS C 84 2.00 12.50 -8.44
N MET C 85 1.67 12.15 -7.20
CA MET C 85 2.67 11.69 -6.22
C MET C 85 2.21 10.47 -5.41
N GLU C 86 3.16 9.85 -4.74
CA GLU C 86 2.87 8.74 -3.82
C GLU C 86 1.96 9.22 -2.70
N PHE C 87 0.98 8.42 -2.33
CA PHE C 87 0.06 8.75 -1.23
C PHE C 87 0.74 8.44 0.12
N CYS C 88 0.50 9.30 1.11
CA CYS C 88 0.99 9.12 2.48
C CYS C 88 -0.24 9.13 3.40
N GLY C 89 -0.73 7.93 3.69
CA GLY C 89 -2.07 7.72 4.30
C GLY C 89 -2.35 8.25 5.70
N ALA C 90 -1.34 8.29 6.55
CA ALA C 90 -1.48 8.87 7.89
C ALA C 90 -1.52 10.44 7.85
N GLY C 91 -1.05 10.99 6.74
CA GLY C 91 -1.01 12.43 6.55
C GLY C 91 0.21 13.04 7.16
N SER C 92 0.10 14.31 7.57
CA SER C 92 1.24 15.04 8.11
C SER C 92 1.36 14.79 9.59
N LEU C 93 2.53 15.05 10.14
CA LEU C 93 2.70 15.00 11.59
C LEU C 93 1.75 15.90 12.36
N GLN C 94 1.36 17.01 11.77
CA GLN C 94 0.39 17.90 12.41
C GLN C 94 -0.98 17.23 12.47
N ASP C 95 -1.42 16.71 11.33
CA ASP C 95 -2.68 15.96 11.23
C ASP C 95 -2.73 14.92 12.33
N ILE C 96 -1.61 14.25 12.51
CA ILE C 96 -1.45 13.20 13.49
C ILE C 96 -1.43 13.72 14.94
N TYR C 97 -0.47 14.59 15.27
CA TYR C 97 -0.32 15.03 16.69
C TYR C 97 -1.53 15.78 17.25
N GLN C 98 -2.32 16.39 16.38
CA GLN C 98 -3.58 17.01 16.76
C GLN C 98 -4.47 15.99 17.46
N VAL C 99 -4.46 14.78 16.94
CA VAL C 99 -5.21 13.65 17.53
C VAL C 99 -4.47 12.96 18.69
N THR C 100 -3.20 12.65 18.48
CA THR C 100 -2.44 11.82 19.43
C THR C 100 -1.84 12.57 20.60
N GLY C 101 -1.77 13.90 20.48
CA GLY C 101 -1.03 14.71 21.44
C GLY C 101 0.45 14.60 21.15
N SER C 102 1.28 14.91 22.12
CA SER C 102 2.71 15.11 21.84
C SER C 102 3.46 13.83 21.63
N LEU C 103 4.40 13.87 20.70
CA LEU C 103 5.30 12.76 20.44
C LEU C 103 6.31 12.56 21.58
N SER C 104 6.98 11.43 21.53
CA SER C 104 8.00 11.03 22.49
C SER C 104 9.36 11.36 21.95
N GLU C 105 10.34 11.42 22.84
CA GLU C 105 11.71 11.75 22.42
C GLU C 105 12.16 10.85 21.30
N LEU C 106 11.93 9.55 21.43
CA LEU C 106 12.42 8.61 20.43
C LEU C 106 11.68 8.79 19.11
N GLN C 107 10.37 9.05 19.19
CA GLN C 107 9.58 9.27 17.96
C GLN C 107 10.07 10.52 17.27
N ILE C 108 10.35 11.54 18.08
CA ILE C 108 10.92 12.77 17.58
C ILE C 108 12.30 12.53 16.97
N SER C 109 13.16 11.80 17.68
CA SER C 109 14.50 11.47 17.19
C SER C 109 14.43 10.81 15.81
N TYR C 110 13.54 9.83 15.68
CA TYR C 110 13.42 9.10 14.41
C TYR C 110 13.01 10.06 13.31
N VAL C 111 11.98 10.85 13.58
CA VAL C 111 11.53 11.87 12.62
C VAL C 111 12.67 12.83 12.21
N CYS C 112 13.40 13.33 13.20
CA CYS C 112 14.52 14.23 12.94
C CYS C 112 15.56 13.60 12.06
N ARG C 113 15.96 12.38 12.42
CA ARG C 113 16.92 11.62 11.61
C ARG C 113 16.48 11.53 10.16
N GLU C 114 15.21 11.24 9.96
CA GLU C 114 14.68 10.99 8.62
C GLU C 114 14.63 12.26 7.81
N VAL C 115 14.20 13.34 8.44
CA VAL C 115 14.20 14.65 7.80
C VAL C 115 15.63 15.09 7.40
N LEU C 116 16.55 14.98 8.36
CA LEU C 116 17.96 15.28 8.11
C LEU C 116 18.51 14.59 6.86
N GLN C 117 18.11 13.33 6.69
CA GLN C 117 18.51 12.55 5.52
C GLN C 117 17.99 13.19 4.25
N GLY C 118 16.72 13.56 4.27
CA GLY C 118 16.10 14.27 3.14
C GLY C 118 16.76 15.60 2.85
N LEU C 119 17.03 16.35 3.91
CA LEU C 119 17.69 17.66 3.80
C LEU C 119 19.08 17.53 3.23
N ALA C 120 19.86 16.62 3.79
CA ALA C 120 21.24 16.36 3.33
C ALA C 120 21.26 16.05 1.84
N TYR C 121 20.28 15.26 1.41
CA TYR C 121 20.15 14.93 -0.01
C TYR C 121 19.83 16.19 -0.83
N LEU C 122 18.82 16.94 -0.41
CA LEU C 122 18.40 18.18 -1.09
C LEU C 122 19.55 19.18 -1.24
N HIS C 123 20.27 19.37 -0.14
CA HIS C 123 21.38 20.32 -0.11
C HIS C 123 22.53 19.93 -1.03
N SER C 124 22.84 18.64 -1.07
CA SER C 124 23.83 18.11 -2.00
C SER C 124 23.44 18.42 -3.45
N GLN C 125 22.13 18.38 -3.74
CA GLN C 125 21.59 18.79 -5.07
C GLN C 125 21.46 20.31 -5.27
N LYS C 126 21.96 21.08 -4.32
CA LYS C 126 21.90 22.54 -4.30
C LYS C 126 20.45 23.08 -4.33
N LYS C 127 19.57 22.37 -3.60
CA LYS C 127 18.16 22.74 -3.42
C LYS C 127 17.93 23.02 -1.93
N ILE C 128 16.97 23.92 -1.63
CA ILE C 128 16.57 24.25 -0.26
C ILE C 128 15.06 24.08 -0.12
N HIS C 129 14.62 23.46 0.98
CA HIS C 129 13.18 23.25 1.21
C HIS C 129 12.54 24.57 1.62
N ARG C 130 13.09 25.15 2.70
CA ARG C 130 12.72 26.49 3.18
C ARG C 130 11.29 26.59 3.76
N ASP C 131 10.68 25.44 4.03
CA ASP C 131 9.33 25.36 4.64
C ASP C 131 9.16 24.07 5.44
N ILE C 132 10.19 23.72 6.20
CA ILE C 132 10.17 22.55 7.04
C ILE C 132 9.34 22.90 8.26
N LYS C 133 8.22 22.18 8.40
CA LYS C 133 7.41 22.17 9.61
C LYS C 133 6.57 20.88 9.69
N GLY C 134 6.01 20.59 10.86
CA GLY C 134 5.09 19.43 11.08
C GLY C 134 4.10 19.12 9.95
N ALA C 135 3.46 20.15 9.45
CA ALA C 135 2.45 20.02 8.41
C ALA C 135 2.99 19.60 7.03
N ASN C 136 4.30 19.68 6.86
CA ASN C 136 4.99 19.35 5.59
C ASN C 136 5.79 18.05 5.66
N ILE C 137 5.91 17.49 6.87
CA ILE C 137 6.50 16.17 7.06
C ILE C 137 5.39 15.08 7.05
N LEU C 138 5.28 14.40 5.93
CA LEU C 138 4.26 13.37 5.75
C LEU C 138 4.68 11.96 6.22
N ILE C 139 3.68 11.24 6.74
CA ILE C 139 3.78 9.86 7.21
C ILE C 139 2.90 8.92 6.35
N ASN C 140 3.50 7.85 5.84
CA ASN C 140 2.71 6.80 5.16
C ASN C 140 2.26 5.69 6.13
N ASP C 141 1.30 4.88 5.72
CA ASP C 141 0.75 3.80 6.57
C ASP C 141 1.82 2.80 7.11
N ALA C 142 2.96 2.73 6.42
CA ALA C 142 4.16 2.00 6.89
C ALA C 142 5.04 2.71 7.92
N GLY C 143 4.68 3.94 8.30
CA GLY C 143 5.50 4.78 9.21
C GLY C 143 6.76 5.41 8.63
N GLU C 144 6.84 5.44 7.32
CA GLU C 144 7.98 6.10 6.65
C GLU C 144 7.74 7.60 6.56
N VAL C 145 8.83 8.36 6.64
CA VAL C 145 8.80 9.82 6.68
C VAL C 145 9.12 10.42 5.32
N ARG C 146 8.26 11.33 4.87
CA ARG C 146 8.40 11.99 3.56
C ARG C 146 8.29 13.52 3.66
N LEU C 147 9.27 14.22 3.10
CA LEU C 147 9.22 15.70 2.99
C LEU C 147 8.30 16.06 1.83
N ALA C 148 7.39 17.00 2.06
CA ALA C 148 6.43 17.44 1.03
C ALA C 148 6.27 18.97 0.99
N ASP C 149 5.57 19.48 -0.03
CA ASP C 149 5.26 20.91 -0.19
C ASP C 149 6.50 21.70 -0.61
N PHE C 150 6.83 21.63 -1.90
CA PHE C 150 8.00 22.33 -2.46
C PHE C 150 7.61 23.64 -3.13
N GLY C 151 6.38 24.10 -2.90
CA GLY C 151 5.88 25.34 -3.48
C GLY C 151 6.70 26.56 -3.10
N ILE C 152 7.05 26.68 -1.82
CA ILE C 152 7.91 27.78 -1.34
C ILE C 152 9.30 27.59 -1.97
N SER C 153 9.81 26.37 -1.93
CA SER C 153 11.14 26.04 -2.51
C SER C 153 11.26 26.40 -3.99
N ALA C 154 10.22 26.02 -4.74
CA ALA C 154 10.13 26.35 -6.17
C ALA C 154 10.08 27.86 -6.43
N GLN C 155 9.24 28.57 -5.67
CA GLN C 155 9.03 30.02 -5.83
C GLN C 155 10.30 30.83 -5.56
N ILE C 156 11.07 30.45 -4.52
CA ILE C 156 12.35 31.12 -4.21
C ILE C 156 13.41 30.81 -5.27
N GLY C 157 13.42 29.58 -5.77
CA GLY C 157 14.39 29.16 -6.78
C GLY C 157 14.20 29.96 -8.06
N ALA C 158 12.92 30.05 -8.47
CA ALA C 158 12.48 30.88 -9.61
C ALA C 158 12.64 32.38 -9.32
N ALA C 161 16.24 34.18 -9.24
CA ALA C 161 17.14 34.04 -10.38
C ALA C 161 16.96 35.13 -11.44
N ARG C 162 15.72 35.28 -11.90
CA ARG C 162 15.30 36.35 -12.83
C ARG C 162 15.47 37.73 -12.19
N ARG C 163 14.85 37.93 -11.03
CA ARG C 163 15.00 39.17 -10.23
C ARG C 163 16.46 39.55 -9.94
N LEU C 164 17.27 38.52 -9.64
CA LEU C 164 18.71 38.66 -9.42
C LEU C 164 19.44 39.16 -10.68
N ALA C 165 19.07 38.60 -11.84
CA ALA C 165 19.53 39.11 -13.15
C ALA C 165 19.09 40.57 -13.41
N PHE C 166 17.85 40.90 -13.04
CA PHE C 166 17.29 42.26 -13.19
C PHE C 166 17.98 43.35 -12.33
N ILE C 167 18.45 43.00 -11.14
CA ILE C 167 19.15 43.97 -10.29
C ILE C 167 20.07 43.28 -9.29
N THR C 169 23.78 47.99 -11.41
CA THR C 169 24.65 49.04 -10.86
C THR C 169 24.85 48.79 -9.37
N PRO C 170 26.05 48.29 -8.97
CA PRO C 170 26.37 48.06 -7.57
C PRO C 170 27.61 48.83 -7.07
N TYR C 171 28.03 49.86 -7.79
CA TYR C 171 29.23 50.58 -7.41
C TYR C 171 29.05 51.41 -6.14
N TRP C 172 27.81 51.82 -5.87
CA TRP C 172 27.42 52.56 -4.64
C TRP C 172 26.82 51.68 -3.54
N MET C 173 26.76 50.36 -3.76
CA MET C 173 26.23 49.41 -2.76
C MET C 173 27.16 49.18 -1.60
N ALA C 174 26.57 48.96 -0.44
CA ALA C 174 27.28 48.47 0.73
C ALA C 174 27.53 46.95 0.61
N PRO C 175 28.64 46.45 1.19
CA PRO C 175 28.97 45.00 1.07
C PRO C 175 27.83 44.05 1.48
N GLU C 176 27.22 44.30 2.62
CA GLU C 176 26.07 43.54 3.06
C GLU C 176 24.93 43.49 2.03
N VAL C 177 24.71 44.59 1.33
CA VAL C 177 23.66 44.67 0.32
C VAL C 177 24.07 43.82 -0.89
N ALA C 178 25.35 43.85 -1.20
CA ALA C 178 25.93 43.06 -2.30
C ALA C 178 25.80 41.58 -2.03
N ALA C 179 26.06 41.21 -0.79
CA ALA C 179 25.94 39.83 -0.33
C ALA C 179 24.52 39.29 -0.54
N VAL C 180 23.53 40.09 -0.19
CA VAL C 180 22.14 39.70 -0.34
C VAL C 180 21.72 39.67 -1.81
N ALA C 181 22.26 40.58 -2.60
CA ALA C 181 21.96 40.65 -4.03
C ALA C 181 22.47 39.43 -4.77
N LEU C 182 23.68 39.03 -4.41
CA LEU C 182 24.38 37.91 -5.06
C LEU C 182 23.80 36.55 -4.62
N LYS C 183 23.48 36.43 -3.32
CA LYS C 183 22.97 35.18 -2.72
C LYS C 183 21.50 35.21 -2.30
N GLY C 184 21.25 36.09 -1.35
CA GLY C 184 20.05 36.12 -0.56
C GLY C 184 20.64 36.30 0.81
N CYS C 185 19.80 36.47 1.82
CA CYS C 185 20.31 36.62 3.20
C CYS C 185 20.64 35.32 3.91
N TYR C 186 20.31 34.21 3.25
CA TYR C 186 20.31 32.88 3.84
C TYR C 186 20.76 31.82 2.86
N ASN C 187 21.09 30.68 3.45
CA ASN C 187 21.54 29.52 2.73
C ASN C 187 20.76 28.27 3.18
N GLU C 188 21.18 27.12 2.66
CA GLU C 188 20.62 25.79 3.02
C GLU C 188 20.42 25.55 4.52
N LEU C 189 21.29 26.10 5.34
CA LEU C 189 21.24 25.93 6.79
C LEU C 189 20.02 26.50 7.50
N CYS C 190 19.22 27.30 6.81
CA CYS C 190 17.93 27.72 7.35
C CYS C 190 17.05 26.50 7.67
N ASP C 191 17.10 25.49 6.80
CA ASP C 191 16.36 24.24 6.99
C ASP C 191 16.70 23.54 8.32
N ILE C 192 17.98 23.51 8.64
CA ILE C 192 18.43 22.97 9.94
C ILE C 192 17.74 23.69 11.12
N TRP C 193 17.70 25.02 11.08
CA TRP C 193 17.00 25.78 12.11
C TRP C 193 15.54 25.30 12.20
N SER C 194 14.89 25.23 11.04
CA SER C 194 13.46 24.89 11.00
C SER C 194 13.19 23.54 11.62
N LEU C 195 14.10 22.62 11.40
CA LEU C 195 14.00 21.30 11.99
C LEU C 195 13.99 21.44 13.48
N GLY C 196 14.98 22.14 14.00
CA GLY C 196 15.04 22.45 15.44
C GLY C 196 13.69 22.90 15.94
N ILE C 197 13.10 23.91 15.30
CA ILE C 197 11.78 24.44 15.69
C ILE C 197 10.70 23.35 15.55
N THR C 198 10.74 22.61 14.45
CA THR C 198 9.84 21.47 14.25
C THR C 198 9.95 20.42 15.37
N ALA C 199 11.16 20.08 15.78
CA ALA C 199 11.36 19.18 16.93
C ALA C 199 10.61 19.67 18.17
N ILE C 200 10.65 20.96 18.40
CA ILE C 200 9.89 21.57 19.50
C ILE C 200 8.38 21.41 19.25
N GLU C 201 7.95 21.68 18.03
CA GLU C 201 6.53 21.56 17.63
C GLU C 201 5.97 20.21 18.03
N LEU C 202 6.73 19.18 17.68
CA LEU C 202 6.35 17.80 17.94
C LEU C 202 6.32 17.48 19.43
N ALA C 203 7.25 18.07 20.17
CA ALA C 203 7.32 17.93 21.62
C ALA C 203 6.22 18.67 22.38
N GLU C 204 5.77 19.80 21.84
CA GLU C 204 4.89 20.75 22.57
C GLU C 204 3.56 21.12 21.92
N LEU C 205 3.28 20.57 20.73
CA LEU C 205 2.04 20.84 19.96
C LEU C 205 1.94 22.20 19.29
N GLN C 206 2.99 23.01 19.44
CA GLN C 206 3.09 24.29 18.72
C GLN C 206 4.54 24.80 18.77
N PRO C 207 4.94 25.60 17.76
CA PRO C 207 6.28 26.15 17.80
C PRO C 207 6.35 27.26 18.85
N PRO C 208 7.57 27.68 19.23
CA PRO C 208 7.68 28.78 20.17
C PRO C 208 7.02 30.04 19.62
N LEU C 209 6.41 30.81 20.52
CA LEU C 209 5.78 32.10 20.21
C LEU C 209 4.54 32.01 19.31
N PHE C 210 3.94 30.83 19.23
CA PHE C 210 2.80 30.62 18.32
C PHE C 210 1.60 31.51 18.62
N ASP C 211 1.43 31.82 19.90
CA ASP C 211 0.35 32.72 20.36
C ASP C 211 0.60 34.21 19.99
N VAL C 212 1.86 34.56 19.84
CA VAL C 212 2.27 35.92 19.45
C VAL C 212 1.96 36.14 17.96
N HIS C 213 1.61 37.37 17.60
CA HIS C 213 1.26 37.77 16.21
C HIS C 213 2.47 37.60 15.28
N PRO C 214 2.24 37.10 14.04
CA PRO C 214 3.38 36.76 13.16
C PRO C 214 4.31 37.93 12.82
N LEU C 215 3.73 39.04 12.35
CA LEU C 215 4.50 40.26 12.07
C LEU C 215 5.38 40.65 13.28
N ARG C 216 4.79 40.58 14.48
CA ARG C 216 5.51 40.90 15.74
C ARG C 216 6.69 39.94 16.00
N VAL C 217 6.49 38.67 15.66
CA VAL C 217 7.55 37.64 15.80
C VAL C 217 8.73 37.89 14.86
N LEU C 218 8.43 38.25 13.61
CA LEU C 218 9.45 38.71 12.66
C LEU C 218 10.27 39.82 13.27
N PHE C 219 9.59 40.84 13.77
CA PHE C 219 10.26 41.95 14.48
C PHE C 219 11.18 41.43 15.59
N LEU C 220 10.65 40.58 16.46
CA LEU C 220 11.42 40.07 17.62
C LEU C 220 12.70 39.32 17.22
N MET C 221 12.58 38.55 16.16
CA MET C 221 13.70 37.77 15.59
C MET C 221 14.83 38.63 15.03
N THR C 222 14.50 39.84 14.61
CA THR C 222 15.46 40.76 14.01
C THR C 222 16.15 41.69 15.03
N LYS C 223 15.64 41.75 16.25
CA LYS C 223 16.26 42.53 17.35
C LYS C 223 17.64 41.98 17.72
N SER C 224 18.48 42.84 18.27
CA SER C 224 19.86 42.50 18.69
C SER C 224 19.88 41.31 19.63
N GLY C 225 19.14 41.44 20.73
CA GLY C 225 19.15 40.46 21.83
C GLY C 225 18.16 39.31 21.74
N TYR C 226 17.84 38.85 20.54
CA TYR C 226 16.96 37.69 20.34
C TYR C 226 17.64 36.39 20.79
N GLN C 227 17.04 35.74 21.80
CA GLN C 227 17.51 34.43 22.29
C GLN C 227 16.83 33.29 21.52
N PRO C 228 17.61 32.28 21.07
CA PRO C 228 16.94 31.09 20.51
C PRO C 228 16.05 30.43 21.55
N PRO C 229 14.90 29.88 21.11
CA PRO C 229 14.02 29.20 22.05
C PRO C 229 14.60 27.86 22.49
N ARG C 230 14.02 27.36 23.58
CA ARG C 230 14.39 26.10 24.16
C ARG C 230 13.11 25.32 24.46
N LEU C 231 13.28 24.07 24.87
CA LEU C 231 12.17 23.24 25.32
C LEU C 231 11.71 23.76 26.68
N LYS C 232 10.39 23.90 26.85
CA LYS C 232 9.79 24.36 28.12
C LYS C 232 10.25 23.56 29.34
N GLU C 233 10.19 22.24 29.21
CA GLU C 233 10.39 21.31 30.33
C GLU C 233 11.77 20.66 30.34
N LYS C 234 12.66 21.13 31.22
CA LYS C 234 14.03 20.59 31.32
C LYS C 234 14.03 19.07 31.53
N GLY C 235 13.33 18.64 32.58
CA GLY C 235 13.38 17.25 33.07
C GLY C 235 12.82 16.18 32.15
N LYS C 236 11.72 16.50 31.47
CA LYS C 236 11.04 15.57 30.55
C LYS C 236 11.92 15.01 29.42
N TRP C 237 12.99 15.71 29.07
CA TRP C 237 13.86 15.31 27.96
C TRP C 237 15.30 15.10 28.37
N SER C 238 16.04 14.47 27.48
CA SER C 238 17.42 14.09 27.75
C SER C 238 18.35 15.21 27.39
N ALA C 239 19.57 15.08 27.90
CA ALA C 239 20.65 16.02 27.59
C ALA C 239 20.91 16.08 26.08
N ALA C 240 20.92 14.90 25.46
CA ALA C 240 21.12 14.79 24.02
C ALA C 240 20.04 15.49 23.21
N PHE C 241 18.80 15.49 23.70
CA PHE C 241 17.69 16.20 23.01
C PHE C 241 17.86 17.74 23.12
N HIS C 242 18.06 18.21 24.34
CA HIS C 242 18.31 19.63 24.61
C HIS C 242 19.45 20.16 23.75
N ASN C 243 20.55 19.40 23.74
CA ASN C 243 21.72 19.75 22.94
C ASN C 243 21.40 19.82 21.46
N PHE C 244 20.73 18.78 20.96
CA PHE C 244 20.26 18.77 19.55
C PHE C 244 19.58 20.09 19.17
N ILE C 245 18.77 20.61 20.08
CA ILE C 245 18.04 21.86 19.87
C ILE C 245 18.96 23.06 19.96
N LYS C 246 19.70 23.16 21.06
CA LYS C 246 20.74 24.19 21.24
C LYS C 246 21.54 24.40 19.95
N VAL C 247 22.01 23.30 19.41
CA VAL C 247 22.91 23.26 18.26
C VAL C 247 22.20 23.57 16.94
N THR C 248 21.07 22.93 16.69
CA THR C 248 20.28 23.21 15.47
C THR C 248 19.75 24.66 15.43
N LEU C 249 19.36 25.15 16.62
CA LEU C 249 18.97 26.56 16.82
C LEU C 249 20.17 27.45 17.23
N THR C 250 21.24 27.34 16.44
CA THR C 250 22.35 28.27 16.51
C THR C 250 21.91 29.50 15.73
N LYS C 251 22.00 30.66 16.38
CA LYS C 251 21.61 31.96 15.77
C LYS C 251 22.41 32.24 14.49
N SER C 252 23.73 32.14 14.61
CA SER C 252 24.63 32.40 13.48
C SER C 252 24.72 31.26 12.47
N PRO C 253 24.29 31.48 11.21
CA PRO C 253 24.50 30.43 10.17
C PRO C 253 25.97 30.14 9.81
N LYS C 254 26.88 31.03 10.15
CA LYS C 254 28.32 30.75 10.06
C LYS C 254 28.75 29.62 11.03
N LYS C 255 28.04 29.50 12.16
CA LYS C 255 28.34 28.48 13.20
C LYS C 255 27.27 27.37 13.40
N ARG C 256 26.19 27.37 12.62
CA ARG C 256 25.14 26.34 12.66
C ARG C 256 25.56 25.14 11.79
N PRO C 257 25.41 23.90 12.31
CA PRO C 257 26.00 22.77 11.57
C PRO C 257 25.11 22.27 10.46
N SER C 258 25.73 21.64 9.46
CA SER C 258 25.01 21.13 8.29
C SER C 258 24.24 19.86 8.61
N ALA C 259 23.27 19.55 7.75
CA ALA C 259 22.49 18.30 7.83
C ALA C 259 23.40 17.08 8.06
N THR C 260 24.40 16.93 7.19
CA THR C 260 25.41 15.86 7.30
C THR C 260 26.06 15.81 8.68
N LYS C 261 26.58 16.96 9.13
CA LYS C 261 27.17 17.06 10.47
C LYS C 261 26.14 16.62 11.54
N MET C 262 24.90 17.06 11.36
CA MET C 262 23.81 16.75 12.27
C MET C 262 23.46 15.24 12.32
N LEU C 263 23.56 14.56 11.19
CA LEU C 263 23.27 13.10 11.15
C LEU C 263 24.17 12.24 12.09
N SER C 264 25.39 12.68 12.27
CA SER C 264 26.28 12.09 13.27
C SER C 264 26.00 12.52 14.74
N HIS C 265 24.96 13.34 14.97
CA HIS C 265 24.58 13.73 16.34
C HIS C 265 23.98 12.55 17.12
N GLN C 266 24.34 12.50 18.41
CA GLN C 266 23.98 11.41 19.33
C GLN C 266 22.50 11.03 19.33
N LEU C 267 21.63 12.03 19.40
CA LEU C 267 20.18 11.82 19.39
C LEU C 267 19.68 11.07 18.18
N VAL C 268 20.13 11.50 17.00
CA VAL C 268 19.64 10.95 15.72
C VAL C 268 20.43 9.76 15.17
N SER C 269 21.59 9.49 15.76
CA SER C 269 22.43 8.36 15.35
C SER C 269 22.35 7.15 16.31
N GLN C 270 21.62 7.29 17.42
CA GLN C 270 21.41 6.18 18.37
C GLN C 270 20.68 5.02 17.69
N PRO C 271 20.96 3.78 18.12
CA PRO C 271 20.22 2.66 17.55
C PRO C 271 18.80 2.56 18.11
N GLY C 272 18.03 1.70 17.48
CA GLY C 272 16.62 1.50 17.83
C GLY C 272 15.67 2.51 17.23
N LEU C 273 16.17 3.34 16.31
CA LEU C 273 15.32 4.31 15.61
C LEU C 273 14.84 3.68 14.29
N ASN C 274 13.54 3.42 14.22
CA ASN C 274 12.90 2.89 13.00
C ASN C 274 11.42 3.22 12.97
N ARG C 275 10.81 2.94 11.82
CA ARG C 275 9.36 3.21 11.61
C ARG C 275 8.41 2.61 12.63
N GLY C 276 8.84 1.56 13.32
CA GLY C 276 8.02 0.97 14.40
C GLY C 276 7.54 2.03 15.37
N LEU C 277 8.47 2.89 15.76
CA LEU C 277 8.20 4.03 16.65
C LEU C 277 7.03 4.87 16.16
N ILE C 278 6.96 5.06 14.85
CA ILE C 278 5.87 5.80 14.23
C ILE C 278 4.61 4.97 14.14
N LEU C 279 4.76 3.70 13.83
CA LEU C 279 3.63 2.78 13.83
C LEU C 279 2.92 2.79 15.18
N ASP C 280 3.71 2.82 16.26
CA ASP C 280 3.16 2.94 17.64
C ASP C 280 2.27 4.16 17.74
N LEU C 281 2.78 5.27 17.23
CA LEU C 281 2.01 6.54 17.18
C LEU C 281 0.72 6.42 16.37
N LEU C 282 0.81 5.85 15.18
CA LEU C 282 -0.39 5.62 14.35
C LEU C 282 -1.42 4.68 15.00
N ASP C 283 -0.97 3.78 15.89
CA ASP C 283 -1.89 2.96 16.69
C ASP C 283 -2.68 3.82 17.67
N LYS C 284 -1.99 4.78 18.27
CA LYS C 284 -2.61 5.80 19.13
C LYS C 284 -3.69 6.67 18.42
N LEU C 285 -3.56 6.82 17.10
CA LEU C 285 -4.59 7.42 16.23
C LEU C 285 -5.93 6.69 16.26
N LYS C 286 -5.87 5.35 16.41
CA LYS C 286 -7.01 4.45 16.53
C LYS C 286 -7.09 3.96 17.98
N ASN C 287 -7.11 4.92 18.89
CA ASN C 287 -6.88 4.70 20.34
C ASN C 287 -7.14 3.27 20.87
N ILE D 2 -54.84 20.40 0.65
CA ILE D 2 -53.92 20.39 -0.54
C ILE D 2 -54.70 21.01 -1.70
N PHE D 3 -54.13 22.07 -2.27
CA PHE D 3 -54.76 22.80 -3.38
C PHE D 3 -54.60 22.04 -4.69
N ASN D 4 -55.69 21.46 -5.20
CA ASN D 4 -55.69 20.85 -6.53
C ASN D 4 -55.73 21.93 -7.62
N ARG D 5 -54.58 22.58 -7.83
CA ARG D 5 -54.44 23.61 -8.88
C ARG D 5 -52.97 23.83 -9.25
N ASP D 6 -52.75 24.31 -10.46
CA ASP D 6 -51.39 24.55 -10.98
C ASP D 6 -50.73 25.65 -10.14
N PRO D 7 -49.54 25.38 -9.56
CA PRO D 7 -48.87 26.45 -8.83
C PRO D 7 -48.28 27.56 -9.72
N ARG D 8 -47.97 27.23 -10.99
CA ARG D 8 -47.59 28.24 -12.01
C ARG D 8 -48.68 29.32 -12.24
N ASP D 9 -49.92 29.05 -11.81
CA ASP D 9 -50.99 30.08 -11.69
C ASP D 9 -50.61 31.14 -10.67
N HIS D 10 -50.31 30.69 -9.46
CA HIS D 10 -50.00 31.57 -8.31
C HIS D 10 -48.55 32.05 -8.22
N TYR D 11 -47.65 31.40 -8.96
CA TYR D 11 -46.20 31.66 -8.88
C TYR D 11 -45.51 31.60 -10.23
N ASP D 12 -44.34 32.23 -10.31
CA ASP D 12 -43.47 32.19 -11.49
C ASP D 12 -42.21 31.44 -11.14
N LEU D 13 -41.94 30.39 -11.92
CA LEU D 13 -40.76 29.55 -11.72
C LEU D 13 -39.53 30.27 -12.26
N LEU D 14 -38.75 30.85 -11.34
CA LEU D 14 -37.54 31.60 -11.71
C LEU D 14 -36.38 30.66 -12.06
N GLN D 15 -35.95 29.89 -11.08
CA GLN D 15 -34.70 29.11 -11.16
C GLN D 15 -34.80 27.73 -10.48
N ARG D 16 -34.19 26.72 -11.10
CA ARG D 16 -34.02 25.37 -10.48
C ARG D 16 -32.79 25.38 -9.59
N LEU D 17 -32.94 24.83 -8.39
CA LEU D 17 -31.89 24.85 -7.36
C LEU D 17 -31.30 23.46 -7.14
N VAL D 25 -36.03 21.08 -6.38
CA VAL D 25 -36.26 22.37 -5.67
C VAL D 25 -36.19 23.59 -6.62
N PHE D 26 -37.23 24.43 -6.56
CA PHE D 26 -37.35 25.62 -7.41
C PHE D 26 -37.45 26.91 -6.59
N LYS D 27 -36.66 27.90 -7.00
CA LYS D 27 -36.83 29.30 -6.59
C LYS D 27 -38.00 29.88 -7.37
N ALA D 28 -38.91 30.55 -6.68
CA ALA D 28 -40.09 31.14 -7.33
C ALA D 28 -40.63 32.37 -6.60
N ARG D 29 -41.36 33.19 -7.35
CA ARG D 29 -41.98 34.42 -6.83
C ARG D 29 -43.49 34.39 -6.99
N ASP D 30 -44.19 34.88 -5.98
CA ASP D 30 -45.65 34.97 -6.00
C ASP D 30 -46.10 36.04 -7.02
N LYS D 31 -46.77 35.60 -8.09
CA LYS D 31 -47.29 36.45 -9.16
C LYS D 31 -48.16 37.65 -8.69
N VAL D 32 -48.88 37.43 -7.59
CA VAL D 32 -49.76 38.46 -7.01
C VAL D 32 -49.03 39.24 -5.92
N SER D 33 -48.70 38.55 -4.84
CA SER D 33 -48.10 39.13 -3.63
C SER D 33 -46.67 39.67 -3.82
N GLY D 34 -45.93 39.06 -4.76
CA GLY D 34 -44.53 39.45 -5.04
C GLY D 34 -43.45 38.84 -4.14
N ASP D 35 -43.86 38.13 -3.08
CA ASP D 35 -42.93 37.49 -2.13
C ASP D 35 -42.26 36.28 -2.77
N LEU D 36 -41.02 36.01 -2.37
CA LEU D 36 -40.24 34.87 -2.89
C LEU D 36 -40.50 33.58 -2.09
N VAL D 37 -40.57 32.46 -2.79
CA VAL D 37 -40.79 31.13 -2.19
C VAL D 37 -39.86 30.05 -2.74
N ALA D 38 -39.67 29.05 -1.90
CA ALA D 38 -39.08 27.78 -2.29
C ALA D 38 -40.23 26.83 -2.64
N LEU D 39 -40.12 26.20 -3.80
CA LEU D 39 -41.07 25.20 -4.26
C LEU D 39 -40.37 23.84 -4.43
N LYS D 40 -40.74 22.86 -3.61
CA LYS D 40 -40.25 21.48 -3.73
C LYS D 40 -41.19 20.64 -4.58
N MET D 41 -40.70 20.22 -5.75
CA MET D 41 -41.47 19.37 -6.67
C MET D 41 -41.10 17.91 -6.50
N VAL D 42 -42.12 17.08 -6.30
CA VAL D 42 -41.96 15.64 -6.23
C VAL D 42 -42.86 14.99 -7.28
N LYS D 43 -42.24 14.17 -8.13
CA LYS D 43 -42.95 13.28 -9.07
C LYS D 43 -43.54 12.08 -8.32
N MET D 44 -44.77 11.70 -8.69
CA MET D 44 -45.47 10.56 -8.10
C MET D 44 -46.21 9.71 -9.13
N ASP D 49 -43.64 6.57 -1.21
CA ASP D 49 -45.00 6.16 -0.88
C ASP D 49 -45.89 7.38 -0.63
N VAL D 50 -47.18 7.18 -0.86
CA VAL D 50 -48.18 8.23 -0.65
C VAL D 50 -48.23 8.64 0.82
N SER D 51 -48.21 7.61 1.68
CA SER D 51 -48.08 7.73 3.14
C SER D 51 -46.91 8.62 3.57
N THR D 52 -45.73 8.35 3.00
CA THR D 52 -44.49 9.11 3.24
C THR D 52 -44.62 10.59 2.92
N LEU D 53 -45.33 10.90 1.84
CA LEU D 53 -45.53 12.26 1.40
C LEU D 53 -46.53 12.95 2.30
N GLN D 54 -47.63 12.27 2.59
CA GLN D 54 -48.64 12.79 3.53
C GLN D 54 -48.00 13.09 4.90
N LYS D 55 -47.10 12.22 5.33
CA LYS D 55 -46.35 12.42 6.58
C LYS D 55 -45.50 13.69 6.50
N GLU D 56 -44.77 13.89 5.40
CA GLU D 56 -43.95 15.11 5.21
C GLU D 56 -44.77 16.40 5.32
N ILE D 57 -45.89 16.42 4.60
CA ILE D 57 -46.81 17.57 4.64
C ILE D 57 -47.26 17.78 6.09
N LEU D 58 -47.87 16.76 6.66
CA LEU D 58 -48.35 16.79 8.05
C LEU D 58 -47.30 17.36 8.99
N ILE D 59 -46.06 16.89 8.85
CA ILE D 59 -44.95 17.37 9.69
C ILE D 59 -44.80 18.87 9.54
N LEU D 60 -44.65 19.31 8.28
CA LEU D 60 -44.45 20.72 7.94
C LEU D 60 -45.59 21.59 8.44
N LYS D 61 -46.81 21.26 8.03
CA LYS D 61 -48.01 21.99 8.47
C LYS D 61 -48.16 22.05 9.99
N THR D 62 -47.94 20.93 10.66
CA THR D 62 -48.10 20.83 12.13
C THR D 62 -46.92 21.36 12.96
N CYS D 63 -45.86 21.84 12.30
CA CYS D 63 -44.77 22.54 13.02
C CYS D 63 -44.71 24.04 12.61
N ARG D 64 -45.13 24.89 13.55
CA ARG D 64 -45.01 26.34 13.44
C ARG D 64 -43.97 26.82 14.46
N HIS D 65 -42.75 27.06 14.00
CA HIS D 65 -41.66 27.55 14.89
C HIS D 65 -40.65 28.33 14.08
N ALA D 66 -40.04 29.32 14.74
CA ALA D 66 -39.16 30.33 14.08
C ALA D 66 -38.00 29.70 13.32
N ASN D 67 -37.33 28.80 14.03
CA ASN D 67 -36.21 28.00 13.52
C ASN D 67 -36.53 26.78 12.65
N ILE D 68 -37.77 26.65 12.19
CA ILE D 68 -38.15 25.60 11.25
C ILE D 68 -38.81 26.21 10.03
N VAL D 69 -38.32 25.81 8.85
CA VAL D 69 -38.79 26.35 7.58
C VAL D 69 -40.30 26.42 7.55
N ALA D 70 -40.80 27.62 7.33
CA ALA D 70 -42.22 27.86 7.26
C ALA D 70 -42.83 27.22 6.01
N TYR D 71 -44.04 26.74 6.21
CA TYR D 71 -44.83 26.07 5.20
C TYR D 71 -46.01 26.96 4.85
N HIS D 72 -46.19 27.20 3.55
CA HIS D 72 -47.27 28.04 3.03
C HIS D 72 -48.44 27.19 2.60
N GLY D 73 -48.15 26.22 1.75
CA GLY D 73 -49.15 25.24 1.34
C GLY D 73 -48.55 24.25 0.38
N SER D 74 -49.42 23.44 -0.22
CA SER D 74 -48.99 22.46 -1.22
C SER D 74 -50.02 22.29 -2.31
N TYR D 75 -49.49 21.98 -3.49
CA TYR D 75 -50.27 21.89 -4.72
C TYR D 75 -50.08 20.50 -5.36
N LEU D 76 -51.19 19.82 -5.59
CA LEU D 76 -51.21 18.56 -6.36
C LEU D 76 -51.72 18.92 -7.75
N TRP D 77 -50.88 18.70 -8.76
CA TRP D 77 -51.18 19.10 -10.13
C TRP D 77 -50.46 18.21 -11.13
N LEU D 78 -51.22 17.69 -12.09
CA LEU D 78 -50.69 16.85 -13.19
C LEU D 78 -49.74 15.72 -12.72
N GLN D 79 -50.18 15.00 -11.68
CA GLN D 79 -49.39 13.89 -11.10
C GLN D 79 -47.99 14.31 -10.54
N LYS D 80 -47.90 15.57 -10.10
CA LYS D 80 -46.72 16.16 -9.48
C LYS D 80 -47.17 16.90 -8.22
N LEU D 81 -46.43 16.71 -7.13
CA LEU D 81 -46.72 17.40 -5.87
C LEU D 81 -45.72 18.52 -5.63
N TRP D 82 -46.24 19.72 -5.41
CA TRP D 82 -45.41 20.91 -5.14
C TRP D 82 -45.61 21.34 -3.71
N ILE D 83 -44.54 21.30 -2.92
CA ILE D 83 -44.57 21.81 -1.55
C ILE D 83 -44.00 23.23 -1.54
N CYS D 84 -44.80 24.18 -1.06
CA CYS D 84 -44.46 25.61 -1.04
C CYS D 84 -44.02 26.09 0.33
N MET D 85 -42.83 26.68 0.37
CA MET D 85 -42.19 27.11 1.63
C MET D 85 -41.54 28.49 1.52
N GLU D 86 -41.21 29.05 2.69
CA GLU D 86 -40.49 30.31 2.76
C GLU D 86 -39.13 30.16 2.11
N PHE D 87 -38.72 31.17 1.34
CA PHE D 87 -37.42 31.17 0.65
C PHE D 87 -36.33 31.53 1.64
N CYS D 88 -35.19 30.86 1.51
CA CYS D 88 -34.02 31.08 2.35
C CYS D 88 -32.87 31.41 1.40
N GLY D 89 -32.75 32.70 1.13
CA GLY D 89 -31.94 33.24 0.03
C GLY D 89 -30.47 32.91 0.08
N ALA D 90 -29.89 32.94 1.27
CA ALA D 90 -28.45 32.66 1.42
C ALA D 90 -28.10 31.18 1.22
N GLY D 91 -29.09 30.34 1.46
CA GLY D 91 -28.96 28.92 1.28
C GLY D 91 -28.52 28.15 2.48
N SER D 92 -27.96 26.97 2.26
CA SER D 92 -27.53 26.14 3.36
C SER D 92 -26.18 26.61 3.84
N LEU D 93 -25.85 26.31 5.09
CA LEU D 93 -24.51 26.59 5.60
C LEU D 93 -23.39 25.95 4.79
N GLN D 94 -23.66 24.82 4.16
CA GLN D 94 -22.68 24.19 3.27
C GLN D 94 -22.46 25.02 2.00
N ASP D 95 -23.56 25.40 1.37
CA ASP D 95 -23.54 26.32 0.23
C ASP D 95 -22.68 27.54 0.55
N ILE D 96 -22.89 28.06 1.75
CA ILE D 96 -22.21 29.25 2.22
C ILE D 96 -20.72 29.00 2.53
N TYR D 97 -20.43 28.08 3.45
CA TYR D 97 -19.03 27.87 3.89
C TYR D 97 -18.07 27.42 2.77
N GLN D 98 -18.62 26.78 1.74
CA GLN D 98 -17.85 26.40 0.55
C GLN D 98 -17.18 27.63 -0.06
N VAL D 99 -17.91 28.73 -0.04
CA VAL D 99 -17.42 30.04 -0.50
C VAL D 99 -16.63 30.80 0.56
N THR D 100 -17.18 30.90 1.77
CA THR D 100 -16.60 31.77 2.81
C THR D 100 -15.48 31.16 3.62
N GLY D 101 -15.33 29.85 3.53
CA GLY D 101 -14.40 29.13 4.38
C GLY D 101 -15.02 28.99 5.76
N SER D 102 -14.20 28.77 6.77
CA SER D 102 -14.72 28.32 8.06
C SER D 102 -15.35 29.45 8.86
N LEU D 103 -16.45 29.12 9.52
CA LEU D 103 -17.13 30.02 10.44
C LEU D 103 -16.30 30.25 11.70
N SER D 104 -16.73 31.25 12.44
CA SER D 104 -16.08 31.64 13.70
C SER D 104 -16.83 30.98 14.84
N GLU D 105 -16.19 30.92 16.00
CA GLU D 105 -16.83 30.40 17.21
C GLU D 105 -18.19 31.06 17.49
N LEU D 106 -18.26 32.37 17.44
CA LEU D 106 -19.53 33.09 17.75
C LEU D 106 -20.61 32.84 16.70
N GLN D 107 -20.23 32.82 15.42
CA GLN D 107 -21.15 32.44 14.35
C GLN D 107 -21.64 31.01 14.54
N ILE D 108 -20.72 30.12 14.89
CA ILE D 108 -21.07 28.73 15.20
C ILE D 108 -22.00 28.66 16.41
N SER D 109 -21.65 29.38 17.46
CA SER D 109 -22.49 29.43 18.68
C SER D 109 -23.90 29.84 18.38
N TYR D 110 -24.05 30.89 17.60
CA TYR D 110 -25.39 31.38 17.24
C TYR D 110 -26.14 30.28 16.48
N VAL D 111 -25.50 29.69 15.48
CA VAL D 111 -26.12 28.62 14.68
C VAL D 111 -26.55 27.45 15.56
N CYS D 112 -25.67 27.02 16.44
CA CYS D 112 -25.98 25.95 17.38
C CYS D 112 -27.17 26.27 18.26
N ARG D 113 -27.15 27.45 18.86
CA ARG D 113 -28.30 27.93 19.65
C ARG D 113 -29.60 27.87 18.89
N GLU D 114 -29.58 28.34 17.65
CA GLU D 114 -30.80 28.41 16.84
C GLU D 114 -31.31 27.01 16.46
N VAL D 115 -30.39 26.11 16.11
CA VAL D 115 -30.76 24.73 15.79
C VAL D 115 -31.36 24.05 17.03
N LEU D 116 -30.67 24.17 18.15
CA LEU D 116 -31.16 23.62 19.41
C LEU D 116 -32.61 24.03 19.71
N GLN D 117 -32.92 25.29 19.44
CA GLN D 117 -34.28 25.80 19.60
C GLN D 117 -35.28 25.04 18.72
N GLY D 118 -34.89 24.87 17.47
CA GLY D 118 -35.70 24.08 16.52
C GLY D 118 -35.87 22.64 16.98
N LEU D 119 -34.76 22.03 17.40
CA LEU D 119 -34.78 20.63 17.86
C LEU D 119 -35.68 20.47 19.07
N ALA D 120 -35.45 21.32 20.08
CA ALA D 120 -36.27 21.31 21.29
C ALA D 120 -37.75 21.35 20.99
N TYR D 121 -38.10 22.20 20.04
CA TYR D 121 -39.49 22.29 19.59
C TYR D 121 -39.95 20.98 18.95
N LEU D 122 -39.16 20.47 18.00
CA LEU D 122 -39.47 19.22 17.29
C LEU D 122 -39.67 18.05 18.25
N HIS D 123 -38.75 17.94 19.20
CA HIS D 123 -38.76 16.84 20.17
C HIS D 123 -40.00 16.90 21.08
N SER D 124 -40.37 18.10 21.49
CA SER D 124 -41.62 18.32 22.25
C SER D 124 -42.87 17.88 21.47
N GLN D 125 -42.84 18.03 20.14
CA GLN D 125 -43.91 17.52 19.25
C GLN D 125 -43.75 16.03 18.90
N LYS D 126 -42.82 15.36 19.57
CA LYS D 126 -42.53 13.93 19.35
C LYS D 126 -42.07 13.63 17.92
N LYS D 127 -41.31 14.56 17.34
CA LYS D 127 -40.73 14.45 16.01
C LYS D 127 -39.20 14.47 16.11
N ILE D 128 -38.53 13.80 15.18
CA ILE D 128 -37.05 13.73 15.10
C ILE D 128 -36.63 14.15 13.71
N HIS D 129 -35.58 14.95 13.60
CA HIS D 129 -35.07 15.34 12.28
C HIS D 129 -34.29 14.19 11.67
N ARG D 130 -33.24 13.78 12.39
CA ARG D 130 -32.39 12.63 12.03
C ARG D 130 -31.43 12.89 10.85
N ASP D 131 -31.39 14.12 10.38
CA ASP D 131 -30.49 14.52 9.28
C ASP D 131 -29.95 15.92 9.47
N ILE D 132 -29.37 16.19 10.64
CA ILE D 132 -28.86 17.52 10.97
C ILE D 132 -27.42 17.62 10.46
N LYS D 133 -27.24 18.36 9.38
CA LYS D 133 -25.93 18.62 8.79
C LYS D 133 -25.97 20.01 8.12
N GLY D 134 -24.79 20.61 7.96
CA GLY D 134 -24.66 21.92 7.30
C GLY D 134 -25.58 22.12 6.11
N ALA D 135 -25.73 21.08 5.27
CA ALA D 135 -26.52 21.16 4.05
C ALA D 135 -28.03 21.25 4.25
N ASN D 136 -28.48 21.02 5.49
CA ASN D 136 -29.90 21.09 5.85
C ASN D 136 -30.23 22.26 6.79
N ILE D 137 -29.21 22.97 7.25
CA ILE D 137 -29.42 24.18 8.05
C ILE D 137 -29.43 25.39 7.10
N LEU D 138 -30.62 25.91 6.81
CA LEU D 138 -30.78 27.04 5.89
C LEU D 138 -30.70 28.44 6.53
N ILE D 139 -30.13 29.36 5.76
CA ILE D 139 -29.99 30.77 6.13
C ILE D 139 -30.81 31.64 5.16
N ASN D 140 -31.65 32.51 5.71
CA ASN D 140 -32.35 33.53 4.89
C ASN D 140 -31.54 34.83 4.79
N ASP D 141 -31.92 35.69 3.84
CA ASP D 141 -31.21 36.94 3.60
C ASP D 141 -31.10 37.83 4.87
N ALA D 142 -32.04 37.65 5.81
CA ALA D 142 -32.02 38.27 7.16
C ALA D 142 -31.10 37.61 8.21
N GLY D 143 -30.37 36.57 7.82
CA GLY D 143 -29.49 35.82 8.74
C GLY D 143 -30.20 34.93 9.76
N GLU D 144 -31.46 34.63 9.52
CA GLU D 144 -32.22 33.75 10.39
C GLU D 144 -31.97 32.29 10.01
N VAL D 145 -31.98 31.43 11.02
CA VAL D 145 -31.63 30.02 10.85
C VAL D 145 -32.88 29.16 10.75
N ARG D 146 -32.93 28.35 9.70
CA ARG D 146 -34.07 27.46 9.44
C ARG D 146 -33.65 26.00 9.20
N LEU D 147 -34.26 25.08 9.95
CA LEU D 147 -34.07 23.65 9.73
C LEU D 147 -34.91 23.22 8.55
N ALA D 148 -34.31 22.50 7.62
CA ALA D 148 -34.99 22.05 6.40
C ALA D 148 -34.72 20.60 6.11
N ASP D 149 -35.40 20.10 5.06
CA ASP D 149 -35.27 18.73 4.55
C ASP D 149 -35.75 17.72 5.58
N PHE D 150 -37.07 17.60 5.73
CA PHE D 150 -37.70 16.61 6.62
C PHE D 150 -38.12 15.31 5.92
N GLY D 151 -37.67 15.14 4.68
CA GLY D 151 -38.02 13.95 3.88
C GLY D 151 -37.60 12.65 4.53
N ILE D 152 -36.40 12.63 5.10
CA ILE D 152 -35.90 11.46 5.83
C ILE D 152 -36.74 11.28 7.10
N SER D 153 -36.88 12.36 7.86
CA SER D 153 -37.74 12.33 9.07
C SER D 153 -39.12 11.74 8.77
N ALA D 154 -39.71 12.22 7.68
CA ALA D 154 -41.00 11.71 7.18
C ALA D 154 -40.93 10.22 6.83
N GLN D 155 -39.86 9.83 6.15
CA GLN D 155 -39.65 8.45 5.69
C GLN D 155 -39.55 7.44 6.84
N ILE D 156 -38.86 7.81 7.91
CA ILE D 156 -38.77 6.99 9.12
C ILE D 156 -40.10 6.91 9.86
N GLY D 157 -40.80 8.04 9.93
CA GLY D 157 -42.11 8.11 10.58
C GLY D 157 -43.16 7.27 9.87
N ALA D 158 -43.20 7.41 8.55
CA ALA D 158 -44.12 6.62 7.69
C ALA D 158 -43.86 5.12 7.78
N THR D 159 -42.59 4.75 7.96
CA THR D 159 -42.19 3.36 8.15
C THR D 159 -42.64 2.85 9.51
N LEU D 160 -42.24 3.56 10.57
CA LEU D 160 -42.64 3.23 11.96
C LEU D 160 -44.16 3.08 12.13
N ALA D 161 -44.93 3.97 11.49
CA ALA D 161 -46.38 3.91 11.58
C ALA D 161 -46.93 2.65 10.90
N ARG D 162 -46.48 2.41 9.66
CA ARG D 162 -46.81 1.17 8.90
C ARG D 162 -46.46 -0.10 9.70
N ARG D 163 -45.25 -0.10 10.28
CA ARG D 163 -44.76 -1.23 11.07
C ARG D 163 -45.53 -1.47 12.39
N LEU D 164 -45.78 -0.40 13.14
CA LEU D 164 -46.66 -0.42 14.33
C LEU D 164 -48.11 -0.77 14.01
N ALA D 165 -48.55 -0.48 12.78
CA ALA D 165 -49.87 -0.93 12.33
C ALA D 165 -49.98 -2.46 12.18
N PHE D 166 -48.96 -3.09 11.57
CA PHE D 166 -48.91 -4.52 11.35
C PHE D 166 -47.82 -5.14 12.21
N ILE D 167 -47.90 -4.90 13.52
CA ILE D 167 -46.91 -5.39 14.51
C ILE D 167 -47.36 -6.64 15.32
N GLY D 168 -48.59 -6.60 15.82
CA GLY D 168 -49.14 -7.68 16.64
C GLY D 168 -48.69 -7.58 18.09
N THR D 169 -49.29 -8.42 18.94
CA THR D 169 -49.12 -8.40 20.43
C THR D 169 -47.64 -8.37 20.80
N PRO D 170 -47.23 -7.62 21.87
CA PRO D 170 -45.85 -7.54 22.30
C PRO D 170 -45.59 -8.00 23.74
N TYR D 171 -46.47 -8.83 24.29
CA TYR D 171 -46.31 -9.28 25.67
C TYR D 171 -45.12 -10.22 25.86
N TRP D 172 -44.75 -10.92 24.77
CA TRP D 172 -43.59 -11.83 24.75
C TRP D 172 -42.31 -11.21 24.18
N MET D 173 -42.37 -9.94 23.82
CA MET D 173 -41.23 -9.24 23.24
C MET D 173 -40.21 -8.81 24.27
N ALA D 174 -38.96 -8.92 23.88
CA ALA D 174 -37.85 -8.42 24.66
C ALA D 174 -37.81 -6.88 24.52
N PRO D 175 -37.35 -6.16 25.56
CA PRO D 175 -37.34 -4.72 25.50
C PRO D 175 -36.68 -4.13 24.25
N GLU D 176 -35.49 -4.63 23.92
CA GLU D 176 -34.78 -4.19 22.69
C GLU D 176 -35.63 -4.34 21.42
N VAL D 177 -36.42 -5.40 21.35
CA VAL D 177 -37.31 -5.66 20.20
C VAL D 177 -38.45 -4.65 20.19
N ALA D 178 -38.92 -4.32 21.39
CA ALA D 178 -39.98 -3.28 21.60
C ALA D 178 -39.49 -1.90 21.16
N ALA D 179 -38.25 -1.60 21.52
CA ALA D 179 -37.61 -0.36 21.15
C ALA D 179 -37.53 -0.22 19.63
N VAL D 180 -37.20 -1.31 18.94
CA VAL D 180 -37.10 -1.27 17.47
C VAL D 180 -38.49 -1.09 16.88
N ALA D 181 -39.45 -1.78 17.46
CA ALA D 181 -40.82 -1.78 16.96
C ALA D 181 -41.45 -0.37 17.03
N LEU D 182 -41.20 0.30 18.15
CA LEU D 182 -41.82 1.58 18.48
C LEU D 182 -40.97 2.78 18.04
N LYS D 183 -39.75 2.85 18.56
CA LYS D 183 -38.87 3.98 18.38
C LYS D 183 -37.85 3.81 17.23
N GLY D 184 -37.65 2.58 16.75
CA GLY D 184 -36.66 2.31 15.68
C GLY D 184 -35.29 1.91 16.21
N CYS D 185 -35.19 1.72 17.52
CA CYS D 185 -33.95 1.27 18.20
C CYS D 185 -33.14 2.40 18.84
N TYR D 186 -33.47 3.64 18.48
CA TYR D 186 -32.80 4.85 18.92
C TYR D 186 -33.86 5.96 19.18
N ASN D 187 -33.41 7.15 19.61
CA ASN D 187 -34.32 8.23 20.03
C ASN D 187 -33.93 9.65 19.54
N GLU D 188 -34.74 10.64 19.93
CA GLU D 188 -34.52 12.08 19.64
C GLU D 188 -33.09 12.60 19.85
N LEU D 189 -32.39 12.05 20.84
CA LEU D 189 -31.03 12.48 21.17
C LEU D 189 -29.97 12.20 20.11
N CYS D 190 -30.31 11.39 19.10
CA CYS D 190 -29.42 11.28 17.94
C CYS D 190 -29.15 12.66 17.28
N ASP D 191 -30.18 13.50 17.23
CA ASP D 191 -30.08 14.86 16.69
C ASP D 191 -28.99 15.67 17.40
N ILE D 192 -29.00 15.63 18.73
CA ILE D 192 -27.98 16.31 19.56
C ILE D 192 -26.56 15.89 19.11
N TRP D 193 -26.34 14.60 18.91
CA TRP D 193 -25.05 14.13 18.37
C TRP D 193 -24.74 14.80 17.04
N SER D 194 -25.70 14.76 16.13
CA SER D 194 -25.51 15.33 14.80
C SER D 194 -25.08 16.82 14.89
N LEU D 195 -25.74 17.58 15.76
CA LEU D 195 -25.40 18.98 15.94
C LEU D 195 -23.92 19.07 16.27
N GLY D 196 -23.50 18.31 17.27
CA GLY D 196 -22.09 18.25 17.66
C GLY D 196 -21.21 18.12 16.43
N ILE D 197 -21.51 17.12 15.60
CA ILE D 197 -20.74 16.87 14.36
C ILE D 197 -20.84 18.09 13.42
N THR D 198 -22.04 18.63 13.30
CA THR D 198 -22.26 19.82 12.48
C THR D 198 -21.39 21.01 12.95
N ALA D 199 -21.38 21.26 14.26
CA ALA D 199 -20.52 22.31 14.81
C ALA D 199 -19.08 22.14 14.35
N ILE D 200 -18.61 20.91 14.32
CA ILE D 200 -17.26 20.60 13.79
C ILE D 200 -17.18 20.90 12.28
N GLU D 201 -18.20 20.46 11.54
CA GLU D 201 -18.31 20.74 10.10
C GLU D 201 -18.08 22.23 9.80
N LEU D 202 -18.76 23.07 10.55
CA LEU D 202 -18.72 24.52 10.36
C LEU D 202 -17.35 25.10 10.72
N ALA D 203 -16.74 24.54 11.74
CA ALA D 203 -15.38 24.94 12.16
C ALA D 203 -14.30 24.49 11.19
N GLU D 204 -14.50 23.36 10.52
CA GLU D 204 -13.43 22.67 9.76
C GLU D 204 -13.70 22.35 8.29
N LEU D 205 -14.89 22.70 7.81
CA LEU D 205 -15.32 22.46 6.41
C LEU D 205 -15.62 21.01 6.03
N GLN D 206 -15.41 20.08 6.97
CA GLN D 206 -15.53 18.63 6.82
C GLN D 206 -15.96 18.06 8.15
N PRO D 207 -16.89 17.07 8.17
CA PRO D 207 -17.08 16.35 9.44
C PRO D 207 -15.87 15.46 9.70
N PRO D 208 -15.71 14.95 10.93
CA PRO D 208 -14.60 14.04 11.20
C PRO D 208 -14.68 12.80 10.34
N LEU D 209 -13.51 12.30 9.96
CA LEU D 209 -13.39 11.05 9.20
C LEU D 209 -13.96 11.15 7.79
N PHE D 210 -14.09 12.36 7.25
CA PHE D 210 -14.70 12.52 5.92
C PHE D 210 -13.92 11.84 4.79
N ASP D 211 -12.61 11.75 4.95
CA ASP D 211 -11.69 11.09 3.99
C ASP D 211 -11.61 9.56 4.16
N VAL D 212 -12.25 9.05 5.21
CA VAL D 212 -12.57 7.63 5.36
C VAL D 212 -13.88 7.24 4.64
N HIS D 213 -13.95 6.03 4.12
CA HIS D 213 -15.13 5.48 3.41
C HIS D 213 -16.35 5.38 4.34
N PRO D 214 -17.56 5.74 3.83
CA PRO D 214 -18.74 5.81 4.73
C PRO D 214 -19.11 4.48 5.44
N LEU D 215 -19.25 3.41 4.68
CA LEU D 215 -19.50 2.08 5.24
C LEU D 215 -18.49 1.72 6.36
N ARG D 216 -17.22 2.02 6.12
CA ARG D 216 -16.16 1.82 7.13
C ARG D 216 -16.34 2.67 8.40
N VAL D 217 -16.84 3.88 8.23
CA VAL D 217 -17.11 4.78 9.37
C VAL D 217 -18.25 4.26 10.26
N LEU D 218 -19.31 3.76 9.62
CA LEU D 218 -20.38 3.03 10.32
C LEU D 218 -19.80 1.87 11.15
N PHE D 219 -19.01 1.04 10.51
CA PHE D 219 -18.27 0.00 11.23
C PHE D 219 -17.53 0.53 12.45
N LEU D 220 -16.72 1.56 12.27
CA LEU D 220 -15.88 2.06 13.34
C LEU D 220 -16.68 2.53 14.53
N MET D 221 -17.82 3.15 14.25
CA MET D 221 -18.73 3.68 15.27
C MET D 221 -19.34 2.58 16.13
N THR D 222 -19.47 1.40 15.55
CA THR D 222 -20.09 0.25 16.23
C THR D 222 -19.11 -0.63 17.01
N LYS D 223 -17.81 -0.42 16.82
CA LYS D 223 -16.79 -1.04 17.68
C LYS D 223 -16.87 -0.56 19.13
N SER D 224 -16.41 -1.41 20.04
CA SER D 224 -16.43 -1.16 21.49
C SER D 224 -15.75 0.14 21.85
N GLY D 225 -14.49 0.26 21.44
CA GLY D 225 -13.62 1.37 21.86
C GLY D 225 -13.66 2.64 21.02
N TYR D 226 -14.77 2.90 20.35
CA TYR D 226 -14.88 4.08 19.48
C TYR D 226 -14.83 5.35 20.32
N GLN D 227 -13.85 6.19 20.03
CA GLN D 227 -13.71 7.50 20.69
C GLN D 227 -14.55 8.54 19.93
N PRO D 228 -15.34 9.35 20.64
CA PRO D 228 -15.96 10.49 19.93
C PRO D 228 -14.91 11.46 19.40
N PRO D 229 -15.20 12.08 18.25
CA PRO D 229 -14.24 13.02 17.70
C PRO D 229 -14.20 14.33 18.46
N ARG D 230 -13.14 15.07 18.21
CA ARG D 230 -12.88 16.37 18.79
C ARG D 230 -12.48 17.35 17.68
N LEU D 231 -12.36 18.63 18.07
CA LEU D 231 -11.85 19.66 17.18
C LEU D 231 -10.34 19.46 17.02
N LYS D 232 -9.87 19.51 15.78
CA LYS D 232 -8.45 19.38 15.46
C LYS D 232 -7.54 20.34 16.23
N GLU D 233 -7.91 21.62 16.27
CA GLU D 233 -7.06 22.70 16.81
C GLU D 233 -7.45 23.13 18.22
N LYS D 234 -6.70 22.71 19.23
CA LYS D 234 -7.05 23.00 20.64
C LYS D 234 -7.14 24.51 20.92
N GLY D 235 -6.07 25.21 20.59
CA GLY D 235 -5.93 26.66 20.90
C GLY D 235 -6.89 27.64 20.24
N LYS D 236 -7.21 27.40 18.97
CA LYS D 236 -8.12 28.26 18.19
C LYS D 236 -9.49 28.49 18.82
N TRP D 237 -9.94 27.58 19.67
CA TRP D 237 -11.30 27.63 20.26
C TRP D 237 -11.26 27.70 21.77
N SER D 238 -12.41 28.03 22.33
CA SER D 238 -12.54 28.20 23.77
C SER D 238 -12.89 26.88 24.46
N ALA D 239 -12.67 26.87 25.78
CA ALA D 239 -12.99 25.75 26.64
C ALA D 239 -14.46 25.41 26.51
N ALA D 240 -15.29 26.44 26.48
CA ALA D 240 -16.74 26.27 26.34
C ALA D 240 -17.13 25.60 25.03
N PHE D 241 -16.39 25.88 23.96
CA PHE D 241 -16.67 25.25 22.66
C PHE D 241 -16.31 23.75 22.69
N HIS D 242 -15.08 23.45 23.12
CA HIS D 242 -14.59 22.08 23.26
C HIS D 242 -15.55 21.25 24.11
N ASN D 243 -15.95 21.82 25.25
CA ASN D 243 -16.90 21.16 26.14
C ASN D 243 -18.24 20.92 25.47
N PHE D 244 -18.76 21.94 24.82
CA PHE D 244 -20.02 21.80 24.03
C PHE D 244 -19.98 20.54 23.16
N ILE D 245 -18.84 20.30 22.55
CA ILE D 245 -18.65 19.17 21.66
C ILE D 245 -18.54 17.86 22.45
N LYS D 246 -17.62 17.83 23.41
CA LYS D 246 -17.46 16.71 24.35
C LYS D 246 -18.83 16.17 24.80
N VAL D 247 -19.66 17.10 25.24
CA VAL D 247 -20.97 16.81 25.83
C VAL D 247 -22.03 16.40 24.80
N THR D 248 -22.16 17.16 23.71
CA THR D 248 -23.10 16.78 22.63
C THR D 248 -22.72 15.46 21.98
N LEU D 249 -21.42 15.23 21.85
CA LEU D 249 -20.87 13.96 21.38
C LEU D 249 -20.58 12.98 22.54
N THR D 250 -21.57 12.78 23.38
CA THR D 250 -21.54 11.73 24.39
C THR D 250 -21.93 10.47 23.66
N LYS D 251 -21.08 9.44 23.80
CA LYS D 251 -21.30 8.13 23.13
C LYS D 251 -22.63 7.49 23.55
N SER D 252 -22.85 7.42 24.86
CA SER D 252 -24.09 6.88 25.44
C SER D 252 -25.32 7.80 25.37
N PRO D 253 -26.39 7.42 24.65
CA PRO D 253 -27.61 8.25 24.68
C PRO D 253 -28.35 8.26 26.01
N LYS D 254 -28.04 7.34 26.91
CA LYS D 254 -28.54 7.40 28.28
C LYS D 254 -27.95 8.57 29.05
N LYS D 255 -26.75 9.00 28.66
CA LYS D 255 -26.03 10.10 29.32
C LYS D 255 -25.82 11.40 28.47
N ARG D 256 -26.32 11.40 27.23
CA ARG D 256 -26.24 12.58 26.33
C ARG D 256 -27.38 13.54 26.62
N PRO D 257 -27.09 14.85 26.73
CA PRO D 257 -28.15 15.75 27.23
C PRO D 257 -29.13 16.19 26.14
N SER D 258 -30.32 16.55 26.56
CA SER D 258 -31.39 16.94 25.63
C SER D 258 -31.16 18.33 25.09
N ALA D 259 -31.84 18.64 23.99
CA ALA D 259 -31.82 19.99 23.39
C ALA D 259 -32.03 21.07 24.45
N THR D 260 -33.10 20.92 25.21
CA THR D 260 -33.42 21.86 26.31
C THR D 260 -32.27 22.03 27.29
N LYS D 261 -31.74 20.92 27.78
CA LYS D 261 -30.57 20.96 28.67
C LYS D 261 -29.41 21.69 27.98
N MET D 262 -29.23 21.42 26.69
CA MET D 262 -28.16 22.03 25.89
C MET D 262 -28.33 23.55 25.72
N LEU D 263 -29.56 24.04 25.61
CA LEU D 263 -29.82 25.48 25.49
C LEU D 263 -29.26 26.30 26.67
N SER D 264 -29.25 25.71 27.86
CA SER D 264 -28.60 26.29 29.03
C SER D 264 -27.07 26.11 29.09
N HIS D 265 -26.47 25.55 28.04
CA HIS D 265 -25.01 25.49 27.93
C HIS D 265 -24.36 26.87 27.68
N GLN D 266 -23.22 27.09 28.34
CA GLN D 266 -22.51 28.38 28.36
C GLN D 266 -22.26 28.97 26.96
N LEU D 267 -21.81 28.13 26.03
CA LEU D 267 -21.53 28.55 24.65
C LEU D 267 -22.74 29.15 23.95
N VAL D 268 -23.87 28.47 24.04
CA VAL D 268 -25.10 28.88 23.31
C VAL D 268 -26.02 29.83 24.08
N SER D 269 -25.76 30.02 25.37
CA SER D 269 -26.55 30.90 26.22
C SER D 269 -25.87 32.25 26.52
N GLN D 270 -24.62 32.41 26.06
CA GLN D 270 -23.91 33.71 26.19
C GLN D 270 -24.68 34.82 25.43
N PRO D 271 -24.62 36.06 25.93
CA PRO D 271 -25.24 37.15 25.19
C PRO D 271 -24.43 37.60 23.96
N GLY D 272 -25.06 38.44 23.16
CA GLY D 272 -24.50 38.93 21.90
C GLY D 272 -24.66 38.00 20.71
N LEU D 273 -25.41 36.91 20.91
CA LEU D 273 -25.64 35.95 19.81
C LEU D 273 -26.90 36.35 19.08
N ASN D 274 -26.75 36.75 17.82
CA ASN D 274 -27.87 37.15 16.97
C ASN D 274 -27.50 37.07 15.50
N ARG D 275 -28.52 37.21 14.66
CA ARG D 275 -28.39 37.21 13.18
C ARG D 275 -27.33 38.14 12.56
N GLY D 276 -26.96 39.20 13.26
CA GLY D 276 -25.85 40.06 12.81
C GLY D 276 -24.59 39.29 12.45
N LEU D 277 -24.27 38.37 13.35
CA LEU D 277 -23.12 37.47 13.19
C LEU D 277 -23.17 36.73 11.86
N ILE D 278 -24.36 36.32 11.47
CA ILE D 278 -24.56 35.63 10.20
C ILE D 278 -24.54 36.57 9.02
N LEU D 279 -25.12 37.75 9.23
CA LEU D 279 -25.07 38.79 8.23
C LEU D 279 -23.61 39.10 7.85
N ASP D 280 -22.74 39.18 8.85
CA ASP D 280 -21.28 39.38 8.58
C ASP D 280 -20.75 38.32 7.62
N LEU D 281 -21.11 37.07 7.91
CA LEU D 281 -20.76 35.92 7.06
C LEU D 281 -21.27 36.08 5.61
N LEU D 282 -22.55 36.42 5.49
CA LEU D 282 -23.14 36.65 4.16
C LEU D 282 -22.52 37.82 3.37
N ASP D 283 -21.94 38.79 4.06
CA ASP D 283 -21.13 39.86 3.41
C ASP D 283 -19.88 39.27 2.77
N LYS D 284 -19.26 38.35 3.50
CA LYS D 284 -18.08 37.59 3.01
C LYS D 284 -18.36 36.75 1.75
N LEU D 285 -19.63 36.41 1.55
CA LEU D 285 -20.12 35.76 0.31
C LEU D 285 -19.83 36.55 -0.95
N LYS D 286 -19.84 37.87 -0.83
CA LYS D 286 -19.36 38.75 -1.91
C LYS D 286 -17.89 39.05 -1.71
#